data_8YG4
#
_entry.id   8YG4
#
_cell.length_a   1.00
_cell.length_b   1.00
_cell.length_c   1.00
_cell.angle_alpha   90.00
_cell.angle_beta   90.00
_cell.angle_gamma   90.00
#
_symmetry.space_group_name_H-M   'P 1'
#
loop_
_entity.id
_entity.type
_entity.pdbx_description
1 polymer 'Guanine nucleotide-binding protein G(s) subunit alpha-1'
2 polymer 'Guanine nucleotide-binding protein G(I)/G(S)/G(T) subunit beta-1'
3 polymer 'Guanine nucleotide-binding protein G(I)/G(S)/G(O) subunit gamma-2'
4 polymer NB35
5 polymer LA-PTH-R1
6 polymer 'Parathyroid hormone/parathyroid hormone-related peptide receptor'
#
loop_
_entity_poly.entity_id
_entity_poly.type
_entity_poly.pdbx_seq_one_letter_code
_entity_poly.pdbx_strand_id
1 'polypeptide(L)'
;MGCTLSAEDKAAVERSKMIEKQLQKDKQVYRATHRLLLLGADNSGKSTIVKQMRIYHVNGYSEEECKQYKAVVYSNTIQS
IIAIIRAMGRLKIDFGDSARADDARQLFVLAGAAEEGFMTAELAGVIKRLWKDSGVQACFNRSREYQLNDSAAYYLNDLD
RIAQPNYIPTQQDVLRTRVKTSGIFETKFQVDKVNFHMFDVGAQRDERRKWIQCFNDVTAIIFVVDSSDYNRLQEALNDF
KSIWNNRWLRTISVILFLNKQDLLAEKVLAGKSKIEDYFPEFARYTTPEDATPEPGEDPRVTRAKYFIRDEFLRISTASG
DGRHYCYPHFTCSVDTENARRIFNDCRDIIQRMHLRQYELL
;
A
2 'polypeptide(L)'
;HGSLLQSELDQLRQEAEQLKNQIRDARKACADATLSQITNNIDPVGRIQMRTRRTLRGHLAKIYAMHWGTDSRLLVSASQ
DGKLIIWDSYTTNKVHAIPLRSSWVMTCAYAPSGNYVACGGLDNICSIYNLKTREGNVRVSRELAGHTGYLSCCRFLDDN
QIVTSSGDTTCALWDIETGQQTTTFTGHTGDVMSLSLAPDTRLFVSGACDASAKLWDVREGMCRQTFTGHESDINAICFF
PNGNAFATGSDDATCRLFDLRADQELMTYSHDNIICGITSVSFSKSGRLLLAGYDDFNCNVWDALKADRAGVLAGHDNRV
SCLGVTDDGMAVATGSWDSFLKIWNGSSGGGGSG
;
B
3 'polypeptide(L)' MASNNTASIAQARKLVEQLKMEANIDRIKVSKAAADLMAYCEAHAKEDPLLTPVPASENPFREKKFFCAIL G
4 'polypeptide(L)'
;MAQVQLQESGGGLVQPGGSLRLSCAASGFTFSNYKMNWVRQAPGKGLEWVSDISQSGASISYTGSVKGRFTISRDNAKNT
LYLQMNSLKPEDTAVYYCARCPAPFTRDCFDVTSTTYAYRGQGTQVTVSSHHHHHHEPEA
;
N
5 'polypeptide(L)' RVAEIQLMHQRAKWIQDARRRAFLHKLIAEIH P
6 'polypeptide(L)'
;DADDVMTKEEQIFLLHRAQAQCEKRLKEVLQRPASIMESDKGWTSASTSGKPRKDKASGKLYPESEEDKEAPTGSRYRGR
PCLPEWDHILCWPLGAPGEVVAVPCPDYIYDFNHKGHAYRRCDRNGSWELVPGHNRTWANYSECVKFLTNETREREVFDR
LGMIYTVGYSVSLASLTVAVLILAYFRRLHCTRNYIHMHLFLSFMLRAVSIFVKDAVLYSGATLDEAERLTEEELRAIAQ
APPPPATAAAGYAGCRVAVTFFLYFLATNYYWILVEGLYLHSLIFMAFFSEKKYLWGFTVFGWGLPAVFVAVWVSVRATL
ANTGCWDLSSGNKKWIIQVPILASIVLNFILFINIVRVLATKLRETNAGRCDTRQQYRKLLKSTLVLMPLFGVHYIVFMA
TPYTEVSGTLWQVQMHYEMLFNSFQGFFVAIIYCFCNGEVQAEIKKSWSRWTLALDFKRKARSGSSSYSYGPMVSH
;
R
#
# COMPACT_ATOMS: atom_id res chain seq x y z
N LEU A 5 26.24 -4.88 -31.48
CA LEU A 5 25.12 -3.98 -31.22
C LEU A 5 25.05 -2.88 -32.28
N SER A 6 23.84 -2.57 -32.73
CA SER A 6 23.66 -1.56 -33.75
C SER A 6 23.93 -0.17 -33.19
N ALA A 7 24.32 0.75 -34.08
CA ALA A 7 24.60 2.12 -33.67
C ALA A 7 23.34 2.80 -33.13
N GLU A 8 22.21 2.62 -33.79
CA GLU A 8 20.95 3.18 -33.29
C GLU A 8 20.58 2.55 -31.95
N ASP A 9 20.75 1.23 -31.83
CA ASP A 9 20.48 0.56 -30.56
C ASP A 9 21.44 1.05 -29.48
N LYS A 10 22.71 1.28 -29.83
CA LYS A 10 23.67 1.78 -28.85
C LYS A 10 23.29 3.18 -28.38
N ALA A 11 22.85 4.04 -29.30
CA ALA A 11 22.40 5.38 -28.91
C ALA A 11 21.16 5.30 -28.04
N ALA A 12 20.24 4.39 -28.35
CA ALA A 12 19.05 4.21 -27.52
C ALA A 12 19.45 3.74 -26.11
N VAL A 13 20.41 2.83 -26.01
CA VAL A 13 20.88 2.38 -24.71
C VAL A 13 21.55 3.52 -23.94
N GLU A 14 22.33 4.36 -24.63
CA GLU A 14 22.97 5.48 -23.96
C GLU A 14 21.95 6.47 -23.42
N ARG A 15 20.94 6.81 -24.23
CA ARG A 15 19.91 7.73 -23.75
C ARG A 15 19.08 7.09 -22.64
N SER A 16 18.88 5.77 -22.70
CA SER A 16 18.20 5.07 -21.61
C SER A 16 19.00 5.15 -20.32
N LYS A 17 20.33 5.01 -20.41
CA LYS A 17 21.18 5.15 -19.23
C LYS A 17 21.13 6.56 -18.67
N MET A 18 21.12 7.56 -19.56
CA MET A 18 21.01 8.95 -19.09
C MET A 18 19.68 9.18 -18.38
N ILE A 19 18.59 8.65 -18.94
CA ILE A 19 17.29 8.76 -18.30
C ILE A 19 17.28 8.01 -16.97
N GLU A 20 17.99 6.89 -16.91
CA GLU A 20 18.06 6.12 -15.67
C GLU A 20 18.78 6.90 -14.58
N LYS A 21 19.89 7.57 -14.92
CA LYS A 21 20.59 8.36 -13.89
C LYS A 21 19.77 9.59 -13.49
N GLN A 22 19.06 10.20 -14.45
CA GLN A 22 18.16 11.29 -14.09
C GLN A 22 17.06 10.80 -13.15
N LEU A 23 16.51 9.61 -13.42
CA LEU A 23 15.50 9.03 -12.54
C LEU A 23 16.07 8.67 -11.17
N GLN A 24 17.34 8.27 -11.12
CA GLN A 24 17.97 7.99 -9.83
C GLN A 24 18.09 9.27 -9.01
N LYS A 25 18.51 10.37 -9.65
CA LYS A 25 18.55 11.65 -8.95
C LYS A 25 17.16 12.09 -8.51
N ASP A 26 16.16 11.90 -9.37
CA ASP A 26 14.79 12.25 -9.02
C ASP A 26 14.29 11.42 -7.84
N LYS A 27 14.66 10.14 -7.79
CA LYS A 27 14.29 9.29 -6.66
C LYS A 27 14.97 9.74 -5.39
N GLN A 28 16.25 10.13 -5.48
CA GLN A 28 16.94 10.66 -4.30
C GLN A 28 16.26 11.91 -3.78
N VAL A 29 15.83 12.80 -4.68
CA VAL A 29 15.10 13.99 -4.25
C VAL A 29 13.74 13.61 -3.66
N TYR A 30 13.04 12.66 -4.30
CA TYR A 30 11.68 12.31 -3.90
C TYR A 30 11.65 11.64 -2.53
N ARG A 31 12.63 10.79 -2.22
CA ARG A 31 12.65 10.10 -0.94
C ARG A 31 12.79 11.08 0.22
N ALA A 32 13.58 12.14 0.05
CA ALA A 32 13.77 13.11 1.13
C ALA A 32 12.49 13.85 1.44
N THR A 33 11.75 14.27 0.42
CA THR A 33 10.51 14.99 0.62
C THR A 33 9.40 14.07 1.12
N HIS A 34 8.52 14.62 1.94
CA HIS A 34 7.39 13.88 2.49
C HIS A 34 6.09 14.58 2.11
N ARG A 35 5.14 13.80 1.61
CA ARG A 35 3.87 14.33 1.12
C ARG A 35 2.77 14.12 2.15
N LEU A 36 2.01 15.19 2.40
CA LEU A 36 0.94 15.17 3.38
C LEU A 36 -0.35 15.62 2.72
N LEU A 37 -1.48 15.10 3.20
CA LEU A 37 -2.79 15.44 2.67
C LEU A 37 -3.59 16.20 3.72
N LEU A 38 -4.08 17.39 3.35
CA LEU A 38 -4.85 18.23 4.27
C LEU A 38 -6.34 18.04 4.01
N LEU A 39 -7.09 17.74 5.06
CA LEU A 39 -8.53 17.53 4.96
C LEU A 39 -9.24 18.28 6.07
N GLY A 40 -10.48 18.64 5.80
CA GLY A 40 -11.30 19.36 6.76
C GLY A 40 -12.52 19.95 6.11
N ALA A 41 -13.46 20.40 6.94
CA ALA A 41 -14.70 20.99 6.47
C ALA A 41 -14.48 22.46 6.09
N ASP A 42 -15.53 23.06 5.54
CA ASP A 42 -15.46 24.46 5.14
C ASP A 42 -15.29 25.37 6.35
N ASN A 43 -16.00 25.08 7.44
CA ASN A 43 -15.89 25.91 8.65
C ASN A 43 -14.53 25.75 9.32
N SER A 44 -13.80 24.69 9.02
CA SER A 44 -12.48 24.49 9.60
C SER A 44 -11.50 25.53 9.07
N GLY A 45 -10.53 25.89 9.90
CA GLY A 45 -9.55 26.90 9.54
C GLY A 45 -8.37 26.36 8.76
N LYS A 46 -8.64 25.62 7.68
CA LYS A 46 -7.57 25.10 6.85
C LYS A 46 -6.81 26.23 6.17
N SER A 47 -7.53 27.24 5.66
CA SER A 47 -6.88 28.33 4.95
C SER A 47 -5.93 29.12 5.85
N THR A 48 -6.35 29.36 7.10
CA THR A 48 -5.49 30.09 8.02
C THR A 48 -4.22 29.30 8.33
N ILE A 49 -4.35 27.99 8.52
CA ILE A 49 -3.18 27.15 8.79
C ILE A 49 -2.24 27.17 7.59
N VAL A 50 -2.80 27.07 6.38
CA VAL A 50 -1.96 27.10 5.17
C VAL A 50 -1.24 28.43 5.06
N LYS A 51 -1.96 29.53 5.30
CA LYS A 51 -1.33 30.85 5.20
C LYS A 51 -0.22 31.02 6.22
N GLN A 52 -0.45 30.57 7.45
CA GLN A 52 0.59 30.68 8.49
C GLN A 52 1.80 29.83 8.13
N MET A 53 1.57 28.59 7.69
CA MET A 53 2.67 27.71 7.35
C MET A 53 3.41 28.15 6.10
N ARG A 54 2.76 28.97 5.26
CA ARG A 54 3.43 29.52 4.09
C ARG A 54 4.24 30.76 4.43
N ILE A 55 3.68 31.69 5.21
CA ILE A 55 4.40 32.90 5.56
C ILE A 55 5.57 32.59 6.49
N TYR A 56 5.40 31.64 7.41
CA TYR A 56 6.49 31.28 8.31
C TYR A 56 7.45 30.28 7.70
N HIS A 57 6.94 29.35 6.88
CA HIS A 57 7.70 28.34 6.13
C HIS A 57 8.44 27.37 7.04
N VAL A 58 8.26 27.44 8.36
CA VAL A 58 8.94 26.54 9.27
C VAL A 58 7.94 25.98 10.28
N THR A 181 -11.23 24.67 -11.18
CA THR A 181 -10.21 25.18 -12.08
C THR A 181 -8.80 24.82 -11.61
N SER A 182 -8.55 25.02 -10.32
CA SER A 182 -7.25 24.70 -9.72
C SER A 182 -7.14 23.26 -9.27
N GLY A 183 -8.22 22.67 -8.77
CA GLY A 183 -8.23 21.27 -8.40
C GLY A 183 -7.54 20.96 -7.10
N ILE A 184 -6.25 21.29 -6.98
CA ILE A 184 -5.47 20.97 -5.80
C ILE A 184 -4.39 22.04 -5.64
N PHE A 185 -4.03 22.31 -4.39
CA PHE A 185 -3.01 23.29 -4.07
C PHE A 185 -1.87 22.63 -3.31
N GLU A 186 -0.63 22.99 -3.65
CA GLU A 186 0.57 22.41 -3.04
C GLU A 186 1.33 23.49 -2.30
N THR A 187 1.71 23.21 -1.05
CA THR A 187 2.50 24.11 -0.24
C THR A 187 3.74 23.37 0.24
N LYS A 188 4.91 23.93 -0.04
CA LYS A 188 6.18 23.31 0.32
C LYS A 188 6.80 24.08 1.48
N PHE A 189 7.09 23.37 2.57
CA PHE A 189 7.72 24.01 3.72
C PHE A 189 8.82 23.10 4.26
N GLN A 190 9.88 23.73 4.76
CA GLN A 190 11.07 23.02 5.24
C GLN A 190 11.17 23.17 6.75
N VAL A 191 11.26 22.04 7.45
CA VAL A 191 11.44 22.01 8.89
C VAL A 191 12.64 21.12 9.19
N ASP A 192 13.65 21.70 9.84
CA ASP A 192 14.88 20.99 10.19
C ASP A 192 15.51 20.32 8.97
N LYS A 193 15.59 21.08 7.87
CA LYS A 193 16.13 20.65 6.59
C LYS A 193 15.36 19.49 5.98
N VAL A 194 14.11 19.27 6.40
CA VAL A 194 13.26 18.23 5.85
C VAL A 194 12.11 18.92 5.10
N ASN A 195 11.92 18.53 3.84
CA ASN A 195 10.92 19.17 3.00
C ASN A 195 9.60 18.41 3.06
N PHE A 196 8.51 19.14 3.31
CA PHE A 196 7.18 18.58 3.32
C PHE A 196 6.33 19.32 2.30
N HIS A 197 5.59 18.55 1.49
CA HIS A 197 4.66 19.06 0.50
C HIS A 197 3.25 18.71 0.97
N MET A 198 2.50 19.72 1.40
CA MET A 198 1.13 19.54 1.86
C MET A 198 0.17 19.87 0.71
N PHE A 199 -0.75 18.95 0.44
CA PHE A 199 -1.70 19.08 -0.66
C PHE A 199 -3.09 19.28 -0.10
N ASP A 200 -3.73 20.37 -0.53
CA ASP A 200 -5.07 20.75 -0.08
C ASP A 200 -6.04 20.63 -1.25
N VAL A 201 -7.22 20.09 -0.98
CA VAL A 201 -8.22 19.89 -2.02
C VAL A 201 -8.79 21.24 -2.44
N GLY A 202 -8.81 21.49 -3.76
CA GLY A 202 -9.32 22.72 -4.29
C GLY A 202 -10.73 22.61 -4.84
N ALA A 203 -10.88 22.78 -6.15
CA ALA A 203 -12.19 22.73 -6.80
C ALA A 203 -12.55 21.28 -7.07
N GLN A 204 -13.31 20.68 -6.16
CA GLN A 204 -13.78 19.31 -6.30
C GLN A 204 -15.20 19.22 -5.79
N ARG A 205 -15.91 18.19 -6.25
CA ARG A 205 -17.29 17.98 -5.84
C ARG A 205 -17.36 17.47 -4.40
N ASP A 206 -18.59 17.42 -3.88
CA ASP A 206 -18.79 16.93 -2.52
C ASP A 206 -18.39 15.47 -2.40
N GLU A 207 -18.73 14.65 -3.40
CA GLU A 207 -18.34 13.25 -3.40
C GLU A 207 -16.82 13.12 -3.46
N ARG A 208 -16.28 12.24 -2.62
CA ARG A 208 -14.83 12.08 -2.51
C ARG A 208 -14.38 10.64 -2.39
N ARG A 209 -15.25 9.65 -2.64
CA ARG A 209 -14.88 8.25 -2.43
C ARG A 209 -13.86 7.76 -3.45
N LYS A 210 -13.67 8.48 -4.56
CA LYS A 210 -12.83 8.01 -5.65
C LYS A 210 -11.43 8.62 -5.63
N TRP A 211 -11.33 9.94 -5.66
CA TRP A 211 -10.02 10.58 -5.76
C TRP A 211 -9.20 10.43 -4.48
N ILE A 212 -9.85 10.16 -3.35
CA ILE A 212 -9.13 9.98 -2.10
C ILE A 212 -8.17 8.80 -2.19
N GLN A 213 -8.48 7.83 -3.04
CA GLN A 213 -7.59 6.68 -3.23
C GLN A 213 -6.23 7.10 -3.78
N CYS A 214 -6.13 8.29 -4.37
CA CYS A 214 -4.84 8.78 -4.82
C CYS A 214 -3.88 9.05 -3.67
N PHE A 215 -4.42 9.25 -2.45
CA PHE A 215 -3.60 9.57 -1.28
C PHE A 215 -3.40 8.35 -0.38
N ASN A 216 -3.28 7.15 -0.97
CA ASN A 216 -3.09 5.94 -0.18
C ASN A 216 -1.64 5.76 0.26
N ASP A 217 -0.70 6.54 -0.27
CA ASP A 217 0.71 6.39 0.07
C ASP A 217 1.30 7.69 0.61
N VAL A 218 0.47 8.63 1.04
CA VAL A 218 0.98 9.87 1.62
C VAL A 218 1.58 9.58 2.99
N THR A 219 2.50 10.46 3.41
CA THR A 219 3.13 10.29 4.72
C THR A 219 2.11 10.41 5.84
N ALA A 220 1.22 11.39 5.76
CA ALA A 220 0.23 11.60 6.81
C ALA A 220 -0.94 12.40 6.26
N ILE A 221 -2.05 12.33 6.99
CA ILE A 221 -3.26 13.09 6.68
C ILE A 221 -3.54 14.00 7.87
N ILE A 222 -3.48 15.30 7.63
CA ILE A 222 -3.81 16.30 8.66
C ILE A 222 -5.30 16.61 8.51
N PHE A 223 -6.09 16.08 9.44
CA PHE A 223 -7.54 16.29 9.46
C PHE A 223 -7.85 17.35 10.50
N VAL A 224 -8.35 18.49 10.03
CA VAL A 224 -8.59 19.65 10.89
C VAL A 224 -10.09 19.73 11.18
N VAL A 225 -10.43 19.85 12.46
CA VAL A 225 -11.82 19.85 12.91
C VAL A 225 -12.10 21.14 13.66
N ASP A 226 -13.24 21.75 13.35
CA ASP A 226 -13.69 22.95 14.05
C ASP A 226 -14.31 22.51 15.38
N SER A 227 -13.56 22.70 16.47
CA SER A 227 -14.04 22.28 17.77
C SER A 227 -15.20 23.11 18.29
N SER A 228 -15.41 24.30 17.73
CA SER A 228 -16.48 25.19 18.19
C SER A 228 -17.78 24.99 17.45
N ASP A 229 -17.84 24.05 16.52
CA ASP A 229 -19.05 23.77 15.75
C ASP A 229 -19.72 22.52 16.34
N TYR A 230 -20.67 22.73 17.24
CA TYR A 230 -21.34 21.61 17.88
C TYR A 230 -22.28 20.89 16.93
N ASN A 231 -23.06 21.65 16.16
CA ASN A 231 -24.05 21.04 15.27
C ASN A 231 -23.39 20.21 14.18
N ARG A 232 -22.28 20.69 13.63
CA ARG A 232 -21.57 19.96 12.59
C ARG A 232 -20.47 19.05 13.14
N LEU A 233 -20.37 18.93 14.46
CA LEU A 233 -19.36 18.04 15.03
C LEU A 233 -19.63 16.58 14.67
N GLN A 234 -20.91 16.20 14.60
CA GLN A 234 -21.26 14.84 14.21
C GLN A 234 -20.83 14.56 12.78
N GLU A 235 -20.98 15.54 11.88
CA GLU A 235 -20.51 15.37 10.51
C GLU A 235 -19.00 15.18 10.46
N ALA A 236 -18.25 15.93 11.27
CA ALA A 236 -16.81 15.76 11.33
C ALA A 236 -16.45 14.38 11.87
N LEU A 237 -17.17 13.90 12.88
CA LEU A 237 -16.92 12.57 13.41
C LEU A 237 -17.18 11.50 12.35
N ASN A 238 -18.27 11.64 11.59
CA ASN A 238 -18.57 10.68 10.53
C ASN A 238 -17.50 10.71 9.44
N ASP A 239 -17.03 11.90 9.07
CA ASP A 239 -15.97 12.02 8.08
C ASP A 239 -14.69 11.36 8.56
N PHE A 240 -14.33 11.59 9.83
CA PHE A 240 -13.14 10.96 10.38
C PHE A 240 -13.29 9.44 10.43
N LYS A 241 -14.47 8.96 10.79
CA LYS A 241 -14.71 7.51 10.80
C LYS A 241 -14.58 6.92 9.41
N SER A 242 -15.13 7.60 8.40
CA SER A 242 -15.02 7.12 7.02
C SER A 242 -13.57 7.10 6.56
N ILE A 243 -12.80 8.14 6.89
CA ILE A 243 -11.39 8.17 6.52
C ILE A 243 -10.64 7.04 7.21
N TRP A 244 -10.90 6.83 8.49
CA TRP A 244 -10.20 5.79 9.25
C TRP A 244 -10.53 4.41 8.73
N ASN A 245 -11.79 4.18 8.36
CA ASN A 245 -12.25 2.86 7.94
C ASN A 245 -12.16 2.62 6.44
N ASN A 246 -11.59 3.56 5.69
CA ASN A 246 -11.43 3.37 4.25
C ASN A 246 -10.48 2.22 3.97
N ARG A 247 -10.81 1.41 2.96
CA ARG A 247 -10.00 0.25 2.63
C ARG A 247 -8.60 0.64 2.20
N TRP A 248 -8.48 1.68 1.37
CA TRP A 248 -7.19 2.10 0.86
C TRP A 248 -6.46 3.08 1.78
N LEU A 249 -7.12 3.53 2.85
CA LEU A 249 -6.49 4.41 3.84
C LEU A 249 -6.24 3.71 5.16
N ARG A 250 -6.28 2.38 5.19
CA ARG A 250 -6.06 1.64 6.43
C ARG A 250 -4.62 1.74 6.91
N THR A 251 -3.65 1.97 6.02
CA THR A 251 -2.25 2.01 6.38
C THR A 251 -1.71 3.43 6.48
N ILE A 252 -2.57 4.43 6.54
CA ILE A 252 -2.17 5.83 6.59
C ILE A 252 -2.60 6.41 7.93
N SER A 253 -1.65 6.94 8.68
CA SER A 253 -1.94 7.60 9.94
C SER A 253 -2.57 8.97 9.70
N VAL A 254 -3.30 9.46 10.69
CA VAL A 254 -3.99 10.74 10.61
C VAL A 254 -3.48 11.64 11.72
N ILE A 255 -3.10 12.87 11.36
CA ILE A 255 -2.68 13.87 12.34
C ILE A 255 -3.90 14.75 12.60
N LEU A 256 -4.62 14.43 13.67
CA LEU A 256 -5.86 15.11 13.99
C LEU A 256 -5.58 16.44 14.69
N PHE A 257 -6.17 17.51 14.17
CA PHE A 257 -6.04 18.85 14.74
C PHE A 257 -7.42 19.34 15.17
N LEU A 258 -7.61 19.50 16.47
CA LEU A 258 -8.83 20.08 17.02
C LEU A 258 -8.66 21.60 17.02
N ASN A 259 -8.98 22.21 15.87
CA ASN A 259 -8.71 23.61 15.65
C ASN A 259 -9.71 24.49 16.40
N LYS A 260 -9.36 25.78 16.51
CA LYS A 260 -10.21 26.79 17.13
C LYS A 260 -10.51 26.45 18.59
N GLN A 261 -9.45 26.35 19.38
CA GLN A 261 -9.61 26.08 20.81
C GLN A 261 -10.07 27.30 21.58
N ASP A 262 -9.63 28.50 21.17
CA ASP A 262 -10.08 29.71 21.84
C ASP A 262 -11.59 29.93 21.65
N LEU A 263 -12.09 29.67 20.44
CA LEU A 263 -13.53 29.78 20.20
C LEU A 263 -14.30 28.78 21.05
N LEU A 264 -13.80 27.55 21.16
CA LEU A 264 -14.44 26.54 21.98
C LEU A 264 -14.45 26.97 23.45
N ALA A 265 -13.33 27.52 23.93
CA ALA A 265 -13.26 28.00 25.30
C ALA A 265 -14.26 29.11 25.56
N GLU A 266 -14.37 30.06 24.61
CA GLU A 266 -15.33 31.15 24.77
C GLU A 266 -16.76 30.64 24.77
N LYS A 267 -17.06 29.67 23.88
CA LYS A 267 -18.40 29.10 23.85
C LYS A 267 -18.73 28.37 25.15
N VAL A 268 -17.77 27.62 25.69
CA VAL A 268 -18.00 26.92 26.95
C VAL A 268 -18.21 27.91 28.09
N LEU A 269 -17.39 28.96 28.14
CA LEU A 269 -17.53 29.94 29.21
C LEU A 269 -18.84 30.71 29.12
N ALA A 270 -19.32 30.94 27.89
CA ALA A 270 -20.57 31.67 27.71
C ALA A 270 -21.74 30.93 28.33
N GLY A 271 -21.81 29.61 28.10
CA GLY A 271 -22.84 28.78 28.69
C GLY A 271 -24.18 28.81 27.97
N LYS A 272 -24.31 29.58 26.89
CA LYS A 272 -25.57 29.60 26.16
C LYS A 272 -25.86 28.27 25.49
N SER A 273 -24.83 27.64 24.91
CA SER A 273 -24.97 26.37 24.24
C SER A 273 -24.28 25.27 25.04
N LYS A 274 -24.97 24.16 25.24
CA LYS A 274 -24.45 23.04 26.00
C LYS A 274 -24.28 21.83 25.10
N ILE A 275 -23.15 21.13 25.26
CA ILE A 275 -22.86 19.94 24.47
C ILE A 275 -23.80 18.79 24.82
N GLU A 276 -24.41 18.83 26.00
CA GLU A 276 -25.27 17.73 26.44
C GLU A 276 -26.45 17.54 25.49
N ASP A 277 -26.97 18.63 24.92
CA ASP A 277 -28.08 18.52 23.99
C ASP A 277 -27.68 17.74 22.74
N TYR A 278 -26.51 18.04 22.18
CA TYR A 278 -26.04 17.31 21.00
C TYR A 278 -25.56 15.91 21.36
N PHE A 279 -24.81 15.79 22.46
CA PHE A 279 -24.27 14.51 22.92
C PHE A 279 -24.74 14.25 24.35
N PRO A 280 -25.78 13.43 24.55
CA PRO A 280 -26.24 13.15 25.92
C PRO A 280 -25.18 12.48 26.78
N GLU A 281 -24.31 11.65 26.19
CA GLU A 281 -23.29 10.96 26.95
C GLU A 281 -22.28 11.89 27.59
N PHE A 282 -22.22 13.16 27.16
CA PHE A 282 -21.37 14.13 27.83
C PHE A 282 -21.82 14.39 29.26
N ALA A 283 -23.10 14.11 29.57
CA ALA A 283 -23.60 14.32 30.92
C ALA A 283 -22.88 13.41 31.91
N ARG A 284 -22.64 12.15 31.55
CA ARG A 284 -21.95 11.21 32.43
C ARG A 284 -20.45 11.16 32.20
N TYR A 285 -19.93 11.95 31.25
CA TYR A 285 -18.51 11.93 30.97
C TYR A 285 -17.73 12.58 32.11
N THR A 286 -16.52 12.05 32.36
CA THR A 286 -15.63 12.57 33.38
C THR A 286 -14.27 12.88 32.78
N THR A 287 -13.59 13.86 33.34
CA THR A 287 -12.28 14.26 32.85
C THR A 287 -11.28 13.13 33.06
N PRO A 288 -10.52 12.74 32.04
CA PRO A 288 -9.54 11.66 32.22
C PRO A 288 -8.47 12.02 33.25
N GLU A 289 -7.99 11.00 33.96
CA GLU A 289 -6.95 11.23 34.97
C GLU A 289 -5.63 11.60 34.32
N ASP A 290 -5.41 11.21 33.07
CA ASP A 290 -4.18 11.51 32.36
C ASP A 290 -4.21 12.86 31.65
N ALA A 291 -5.29 13.62 31.79
CA ALA A 291 -5.39 14.92 31.15
C ALA A 291 -4.36 15.88 31.72
N THR A 292 -3.81 16.73 30.86
CA THR A 292 -2.81 17.73 31.24
C THR A 292 -3.29 19.09 30.74
N PRO A 293 -4.26 19.69 31.43
CA PRO A 293 -4.79 20.98 30.98
C PRO A 293 -3.82 22.13 31.28
N GLU A 294 -4.08 23.25 30.62
CA GLU A 294 -3.30 24.45 30.86
C GLU A 294 -3.55 24.94 32.29
N PRO A 295 -2.52 25.43 33.00
CA PRO A 295 -2.71 25.82 34.40
C PRO A 295 -3.79 26.87 34.61
N GLY A 296 -3.95 27.81 33.68
CA GLY A 296 -4.97 28.82 33.80
C GLY A 296 -6.17 28.57 32.91
N GLU A 297 -6.58 27.31 32.81
CA GLU A 297 -7.69 26.91 31.95
C GLU A 297 -8.89 26.51 32.79
N ASP A 298 -10.08 26.93 32.36
CA ASP A 298 -11.30 26.60 33.08
C ASP A 298 -11.54 25.09 33.03
N PRO A 299 -11.96 24.46 34.13
CA PRO A 299 -12.17 23.01 34.11
C PRO A 299 -13.21 22.55 33.11
N ARG A 300 -14.27 23.33 32.88
CA ARG A 300 -15.28 22.94 31.91
C ARG A 300 -14.70 22.92 30.50
N VAL A 301 -13.84 23.88 30.17
CA VAL A 301 -13.26 23.96 28.83
C VAL A 301 -12.40 22.73 28.55
N THR A 302 -11.52 22.38 29.49
CA THR A 302 -10.66 21.22 29.27
C THR A 302 -11.46 19.93 29.32
N ARG A 303 -12.50 19.88 30.15
CA ARG A 303 -13.37 18.71 30.17
C ARG A 303 -14.03 18.50 28.82
N ALA A 304 -14.55 19.57 28.22
CA ALA A 304 -15.20 19.47 26.92
C ALA A 304 -14.20 19.11 25.82
N LYS A 305 -13.02 19.72 25.84
CA LYS A 305 -12.03 19.42 24.79
C LYS A 305 -11.55 17.97 24.90
N TYR A 306 -11.38 17.46 26.12
CA TYR A 306 -10.99 16.07 26.28
C TYR A 306 -12.15 15.13 25.95
N PHE A 307 -13.39 15.55 26.17
CA PHE A 307 -14.52 14.76 25.72
C PHE A 307 -14.53 14.62 24.20
N ILE A 308 -14.27 15.73 23.49
CA ILE A 308 -14.20 15.66 22.03
C ILE A 308 -13.04 14.77 21.59
N ARG A 309 -11.88 14.92 22.26
CA ARG A 309 -10.72 14.09 21.91
C ARG A 309 -11.02 12.61 22.13
N ASP A 310 -11.68 12.27 23.24
CA ASP A 310 -12.02 10.88 23.50
C ASP A 310 -13.08 10.37 22.54
N GLU A 311 -14.00 11.24 22.11
CA GLU A 311 -14.98 10.84 21.10
C GLU A 311 -14.29 10.48 19.80
N PHE A 312 -13.28 11.26 19.39
CA PHE A 312 -12.50 10.90 18.22
C PHE A 312 -11.69 9.63 18.44
N LEU A 313 -11.09 9.49 19.63
CA LEU A 313 -10.21 8.37 19.89
C LEU A 313 -10.95 7.05 20.01
N ARG A 314 -12.22 7.08 20.44
CA ARG A 314 -13.01 5.86 20.47
C ARG A 314 -13.21 5.31 19.06
N ILE A 315 -13.53 6.19 18.11
CA ILE A 315 -13.66 5.78 16.71
C ILE A 315 -12.31 5.31 16.19
N SER A 316 -11.24 6.02 16.55
CA SER A 316 -9.90 5.64 16.09
C SER A 316 -9.52 4.25 16.57
N THR A 317 -9.79 3.93 17.83
CA THR A 317 -9.40 2.65 18.40
C THR A 317 -10.42 1.56 18.08
N ALA A 318 -11.59 1.94 17.55
CA ALA A 318 -12.61 0.94 17.21
C ALA A 318 -12.11 -0.03 16.14
N SER A 319 -11.23 0.42 15.26
CA SER A 319 -10.68 -0.44 14.22
C SER A 319 -9.27 0.04 13.87
N GLY A 320 -8.50 -0.87 13.27
CA GLY A 320 -7.16 -0.54 12.84
C GLY A 320 -6.13 -1.61 13.16
N ASP A 321 -6.30 -2.28 14.30
CA ASP A 321 -5.43 -3.38 14.72
C ASP A 321 -3.97 -2.96 14.82
N GLY A 322 -3.73 -1.67 15.04
CA GLY A 322 -2.39 -1.16 15.22
C GLY A 322 -1.60 -0.90 13.95
N ARG A 323 -2.20 -1.09 12.78
CA ARG A 323 -1.50 -0.82 11.54
C ARG A 323 -1.34 0.67 11.24
N HIS A 324 -2.17 1.52 11.87
CA HIS A 324 -2.05 2.96 11.74
C HIS A 324 -2.57 3.59 13.02
N TYR A 325 -2.16 4.84 13.26
CA TYR A 325 -2.40 5.50 14.53
C TYR A 325 -2.91 6.92 14.29
N CYS A 326 -3.56 7.47 15.30
CA CYS A 326 -4.09 8.83 15.27
C CYS A 326 -3.35 9.69 16.26
N TYR A 327 -3.10 10.95 15.88
CA TYR A 327 -2.37 11.87 16.73
C TYR A 327 -3.21 13.12 16.99
N PRO A 328 -4.07 13.10 18.01
CA PRO A 328 -4.89 14.28 18.29
C PRO A 328 -4.06 15.42 18.87
N HIS A 329 -4.32 16.63 18.37
CA HIS A 329 -3.67 17.84 18.86
C HIS A 329 -4.70 18.94 18.98
N PHE A 330 -4.43 19.88 19.88
CA PHE A 330 -5.29 21.05 20.08
C PHE A 330 -4.61 22.25 19.44
N THR A 331 -5.24 22.81 18.40
CA THR A 331 -4.67 23.87 17.60
C THR A 331 -5.48 25.14 17.75
N CYS A 332 -4.78 26.27 17.86
CA CYS A 332 -5.41 27.58 17.94
C CYS A 332 -5.44 28.31 16.60
N SER A 333 -4.99 27.66 15.52
CA SER A 333 -4.98 28.17 14.15
C SER A 333 -4.01 29.33 13.94
N VAL A 334 -3.29 29.76 14.98
CA VAL A 334 -2.34 30.85 14.85
C VAL A 334 -0.96 30.50 15.36
N ASP A 335 -0.80 29.46 16.18
CA ASP A 335 0.51 29.11 16.71
C ASP A 335 1.43 28.58 15.61
N THR A 336 2.71 28.92 15.73
CA THR A 336 3.72 28.48 14.77
C THR A 336 4.15 27.05 14.98
N GLU A 337 3.90 26.47 16.15
CA GLU A 337 4.40 25.14 16.49
C GLU A 337 3.69 24.02 15.73
N ASN A 338 2.55 24.31 15.10
CA ASN A 338 1.75 23.27 14.47
C ASN A 338 2.56 22.45 13.47
N ALA A 339 3.23 23.14 12.53
CA ALA A 339 4.08 22.44 11.57
C ALA A 339 5.12 21.59 12.30
N ARG A 340 5.78 22.17 13.31
CA ARG A 340 6.72 21.41 14.11
C ARG A 340 6.05 20.15 14.67
N ARG A 341 4.86 20.30 15.24
CA ARG A 341 4.11 19.14 15.71
C ARG A 341 3.99 18.10 14.61
N ILE A 342 3.57 18.52 13.41
CA ILE A 342 3.45 17.58 12.30
C ILE A 342 4.78 16.88 12.08
N PHE A 343 5.87 17.65 12.05
CA PHE A 343 7.20 17.07 11.88
C PHE A 343 7.42 15.98 12.93
N ASN A 344 7.19 16.31 14.19
CA ASN A 344 7.36 15.31 15.25
C ASN A 344 6.50 14.09 14.96
N ASP A 345 5.22 14.30 14.64
CA ASP A 345 4.34 13.18 14.35
C ASP A 345 4.92 12.35 13.21
N CYS A 346 5.36 13.01 12.14
CA CYS A 346 5.94 12.28 11.03
C CYS A 346 7.09 11.40 11.51
N ARG A 347 7.98 11.98 12.32
CA ARG A 347 9.08 11.20 12.85
C ARG A 347 8.57 9.94 13.54
N ASP A 348 7.59 10.10 14.44
CA ASP A 348 7.05 8.94 15.13
C ASP A 348 6.54 7.91 14.14
N ILE A 349 5.78 8.35 13.14
CA ILE A 349 5.26 7.43 12.14
C ILE A 349 6.41 6.67 11.50
N ILE A 350 7.43 7.40 11.06
CA ILE A 350 8.59 6.75 10.43
C ILE A 350 9.16 5.71 11.37
N GLN A 351 9.39 6.09 12.63
CA GLN A 351 9.90 5.14 13.61
C GLN A 351 9.01 3.91 13.67
N ARG A 352 7.70 4.13 13.84
CA ARG A 352 6.79 2.99 13.92
C ARG A 352 6.82 2.17 12.65
N MET A 353 6.96 2.84 11.49
CA MET A 353 7.08 2.11 10.24
C MET A 353 8.26 1.16 10.30
N HIS A 354 9.41 1.63 10.76
CA HIS A 354 10.56 0.75 10.90
C HIS A 354 10.27 -0.33 11.93
N LEU A 355 9.57 0.02 13.01
CA LEU A 355 9.21 -0.97 14.00
C LEU A 355 8.25 -2.00 13.43
N ARG A 356 7.49 -1.62 12.39
CA ARG A 356 6.63 -2.59 11.73
C ARG A 356 7.41 -3.47 10.77
N GLN A 357 8.57 -2.98 10.30
CA GLN A 357 9.39 -3.80 9.42
C GLN A 357 10.13 -4.89 10.19
N TYR A 358 10.54 -4.60 11.42
CA TYR A 358 11.21 -5.58 12.26
C TYR A 358 10.25 -6.37 13.13
N GLU A 359 8.93 -6.15 12.99
CA GLU A 359 7.92 -6.84 13.78
C GLU A 359 8.12 -6.66 15.28
N LEU A 360 8.51 -5.45 15.69
CA LEU A 360 8.70 -5.13 17.10
C LEU A 360 7.47 -4.53 17.75
N LEU A 361 6.38 -4.35 17.00
CA LEU A 361 5.15 -3.81 17.55
C LEU A 361 3.97 -4.72 17.21
N GLU B 8 -46.26 20.72 -10.32
CA GLU B 8 -45.51 20.68 -11.57
C GLU B 8 -44.41 19.61 -11.52
N LEU B 9 -43.68 19.58 -10.41
CA LEU B 9 -42.62 18.59 -10.26
C LEU B 9 -43.17 17.18 -10.21
N ASP B 10 -44.31 16.99 -9.54
CA ASP B 10 -44.90 15.66 -9.44
C ASP B 10 -45.31 15.13 -10.81
N GLN B 11 -45.90 15.99 -11.64
CA GLN B 11 -46.30 15.57 -12.99
C GLN B 11 -45.09 15.17 -13.82
N LEU B 12 -44.01 15.96 -13.73
CA LEU B 12 -42.80 15.62 -14.47
C LEU B 12 -42.20 14.30 -13.99
N ARG B 13 -42.20 14.07 -12.67
CA ARG B 13 -41.69 12.82 -12.14
C ARG B 13 -42.54 11.64 -12.59
N GLN B 14 -43.86 11.80 -12.59
CA GLN B 14 -44.74 10.73 -13.06
C GLN B 14 -44.50 10.44 -14.54
N GLU B 15 -44.34 11.49 -15.35
CA GLU B 15 -44.07 11.29 -16.78
C GLU B 15 -42.74 10.59 -16.99
N ALA B 16 -41.72 10.97 -16.22
CA ALA B 16 -40.41 10.30 -16.34
C ALA B 16 -40.52 8.83 -15.94
N GLU B 17 -41.27 8.54 -14.87
CA GLU B 17 -41.45 7.16 -14.45
C GLU B 17 -42.19 6.35 -15.51
N GLN B 18 -43.21 6.95 -16.13
CA GLN B 18 -43.93 6.27 -17.21
C GLN B 18 -43.01 5.99 -18.39
N LEU B 19 -42.17 6.97 -18.75
CA LEU B 19 -41.22 6.76 -19.85
C LEU B 19 -40.23 5.65 -19.52
N LYS B 20 -39.73 5.62 -18.29
CA LYS B 20 -38.81 4.56 -17.89
C LYS B 20 -39.49 3.19 -17.93
N ASN B 21 -40.75 3.13 -17.47
CA ASN B 21 -41.48 1.87 -17.54
C ASN B 21 -41.70 1.42 -18.97
N GLN B 22 -42.01 2.36 -19.86
CA GLN B 22 -42.17 2.03 -21.28
C GLN B 22 -40.87 1.51 -21.88
N ILE B 23 -39.75 2.14 -21.54
CA ILE B 23 -38.45 1.69 -22.03
C ILE B 23 -38.15 0.29 -21.52
N ARG B 24 -38.44 0.04 -20.23
CA ARG B 24 -38.23 -1.29 -19.66
C ARG B 24 -39.10 -2.34 -20.35
N ASP B 25 -40.36 -2.00 -20.64
CA ASP B 25 -41.24 -2.92 -21.33
C ASP B 25 -40.73 -3.21 -22.74
N ALA B 26 -40.24 -2.19 -23.44
CA ALA B 26 -39.68 -2.42 -24.77
C ALA B 26 -38.44 -3.31 -24.71
N ARG B 27 -37.58 -3.08 -23.72
CA ARG B 27 -36.39 -3.91 -23.56
C ARG B 27 -36.75 -5.36 -23.26
N LYS B 28 -37.77 -5.56 -22.41
CA LYS B 28 -38.22 -6.92 -22.12
C LYS B 28 -38.82 -7.57 -23.37
N ALA B 29 -39.57 -6.81 -24.15
CA ALA B 29 -40.17 -7.35 -25.37
C ALA B 29 -39.11 -7.75 -26.39
N CYS B 30 -38.06 -6.95 -26.53
CA CYS B 30 -37.01 -7.25 -27.51
C CYS B 30 -36.01 -8.28 -27.00
N ALA B 31 -36.12 -8.72 -25.76
CA ALA B 31 -35.20 -9.72 -25.20
C ALA B 31 -35.83 -11.11 -25.27
N ASP B 32 -35.77 -11.69 -26.47
CA ASP B 32 -36.35 -13.02 -26.68
C ASP B 32 -35.47 -14.11 -26.09
N ALA B 33 -34.14 -13.95 -26.16
CA ALA B 33 -33.23 -14.95 -25.67
C ALA B 33 -31.93 -14.27 -25.22
N THR B 34 -31.16 -14.98 -24.41
CA THR B 34 -29.91 -14.47 -23.86
C THR B 34 -28.72 -15.04 -24.62
N LEU B 35 -27.57 -14.44 -24.38
CA LEU B 35 -26.33 -14.88 -25.04
C LEU B 35 -25.95 -16.30 -24.60
N SER B 36 -26.14 -16.60 -23.32
CA SER B 36 -25.72 -17.91 -22.79
C SER B 36 -26.52 -19.04 -23.43
N GLN B 37 -27.79 -18.78 -23.75
CA GLN B 37 -28.62 -19.83 -24.33
C GLN B 37 -28.10 -20.29 -25.68
N ILE B 38 -27.64 -19.34 -26.52
CA ILE B 38 -27.20 -19.70 -27.86
C ILE B 38 -25.69 -19.88 -27.98
N THR B 39 -24.93 -19.53 -26.95
CA THR B 39 -23.48 -19.74 -26.99
C THR B 39 -23.06 -21.08 -26.42
N ASN B 40 -24.01 -21.95 -26.06
CA ASN B 40 -23.66 -23.27 -25.55
C ASN B 40 -23.09 -24.18 -26.63
N ASN B 41 -23.30 -23.85 -27.90
CA ASN B 41 -22.88 -24.70 -29.01
C ASN B 41 -21.49 -24.36 -29.53
N ILE B 42 -20.81 -23.38 -28.96
CA ILE B 42 -19.48 -22.98 -29.41
C ILE B 42 -18.44 -23.71 -28.57
N ASP B 43 -17.28 -23.97 -29.16
CA ASP B 43 -16.21 -24.67 -28.45
C ASP B 43 -15.64 -23.77 -27.36
N PRO B 44 -15.53 -24.25 -26.12
CA PRO B 44 -14.94 -23.43 -25.06
C PRO B 44 -13.47 -23.15 -25.34
N VAL B 45 -13.01 -21.98 -24.89
CA VAL B 45 -11.63 -21.58 -25.12
C VAL B 45 -10.67 -22.44 -24.31
N GLY B 46 -11.04 -22.76 -23.08
CA GLY B 46 -10.18 -23.55 -22.21
C GLY B 46 -9.40 -22.68 -21.24
N ARG B 47 -8.51 -23.34 -20.50
CA ARG B 47 -7.70 -22.68 -19.49
C ARG B 47 -6.56 -21.94 -20.18
N ILE B 48 -6.68 -20.62 -20.25
CA ILE B 48 -5.65 -19.80 -20.88
C ILE B 48 -4.48 -19.58 -19.93
N GLN B 49 -3.28 -19.79 -20.42
CA GLN B 49 -2.06 -19.58 -19.65
C GLN B 49 -1.19 -18.54 -20.35
N MET B 50 -0.76 -17.53 -19.61
CA MET B 50 0.09 -16.48 -20.15
C MET B 50 1.31 -16.31 -19.25
N ARG B 51 2.39 -15.81 -19.83
CA ARG B 51 3.64 -15.63 -19.11
C ARG B 51 4.15 -14.20 -19.31
N THR B 52 4.88 -13.71 -18.31
CA THR B 52 5.44 -12.37 -18.37
C THR B 52 6.67 -12.36 -19.26
N ARG B 53 6.71 -11.42 -20.20
CA ARG B 53 7.83 -11.25 -21.11
C ARG B 53 8.72 -10.07 -20.74
N ARG B 54 8.14 -8.96 -20.31
CA ARG B 54 8.90 -7.79 -19.91
C ARG B 54 8.37 -7.28 -18.57
N THR B 55 9.25 -6.65 -17.81
CA THR B 55 8.91 -6.05 -16.52
C THR B 55 9.45 -4.63 -16.51
N LEU B 56 8.58 -3.65 -16.78
CA LEU B 56 8.98 -2.25 -16.84
C LEU B 56 9.05 -1.70 -15.42
N ARG B 57 10.27 -1.45 -14.96
CA ARG B 57 10.51 -0.90 -13.62
C ARG B 57 11.27 0.41 -13.73
N GLY B 58 11.05 1.29 -12.75
CA GLY B 58 11.72 2.58 -12.73
C GLY B 58 10.83 3.68 -12.21
N HIS B 59 9.54 3.41 -12.05
CA HIS B 59 8.62 4.39 -11.49
C HIS B 59 8.86 4.52 -9.99
N LEU B 60 8.82 5.76 -9.50
CA LEU B 60 9.06 6.04 -8.10
C LEU B 60 7.86 5.78 -7.21
N ALA B 61 6.66 5.64 -7.78
CA ALA B 61 5.45 5.44 -7.01
C ALA B 61 4.48 4.59 -7.83
N LYS B 62 3.23 4.54 -7.40
CA LYS B 62 2.24 3.69 -8.03
C LYS B 62 1.92 4.16 -9.44
N ILE B 63 1.78 3.22 -10.36
CA ILE B 63 1.34 3.51 -11.72
C ILE B 63 -0.17 3.63 -11.73
N TYR B 64 -0.69 4.72 -12.27
CA TYR B 64 -2.13 4.94 -12.25
C TYR B 64 -2.81 4.65 -13.57
N ALA B 65 -2.14 4.85 -14.70
CA ALA B 65 -2.74 4.57 -16.00
C ALA B 65 -1.64 4.37 -17.03
N MET B 66 -2.03 3.74 -18.14
CA MET B 66 -1.12 3.54 -19.26
C MET B 66 -1.93 3.50 -20.54
N HIS B 67 -1.26 3.73 -21.67
CA HIS B 67 -1.90 3.72 -22.97
C HIS B 67 -0.91 3.27 -24.03
N TRP B 68 -1.37 2.42 -24.93
CA TRP B 68 -0.54 1.92 -26.01
C TRP B 68 -0.58 2.86 -27.22
N GLY B 69 0.55 2.93 -27.92
CA GLY B 69 0.59 3.66 -29.17
C GLY B 69 0.07 2.84 -30.33
N THR B 70 -0.12 3.51 -31.46
CA THR B 70 -0.60 2.83 -32.66
C THR B 70 0.43 1.86 -33.24
N ASP B 71 1.70 2.03 -32.91
CA ASP B 71 2.75 1.15 -33.41
C ASP B 71 2.95 -0.08 -32.52
N SER B 72 2.26 -0.14 -31.38
CA SER B 72 2.34 -1.28 -30.45
C SER B 72 3.76 -1.50 -29.92
N ARG B 73 4.61 -0.48 -29.98
CA ARG B 73 5.97 -0.58 -29.49
C ARG B 73 6.26 0.42 -28.38
N LEU B 74 5.83 1.67 -28.52
CA LEU B 74 6.03 2.69 -27.50
C LEU B 74 4.77 2.80 -26.65
N LEU B 75 4.94 2.76 -25.33
CA LEU B 75 3.82 2.83 -24.40
C LEU B 75 4.07 3.93 -23.36
N VAL B 76 3.03 4.68 -23.04
CA VAL B 76 3.12 5.80 -22.11
C VAL B 76 2.45 5.39 -20.81
N SER B 77 3.13 5.63 -19.69
CA SER B 77 2.65 5.30 -18.36
C SER B 77 2.80 6.50 -17.44
N ALA B 78 1.86 6.65 -16.52
CA ALA B 78 1.84 7.78 -15.58
C ALA B 78 1.96 7.25 -14.16
N SER B 79 2.84 7.88 -13.38
CA SER B 79 3.03 7.51 -11.98
C SER B 79 2.68 8.69 -11.09
N GLN B 80 2.17 8.38 -9.90
CA GLN B 80 1.75 9.41 -8.95
C GLN B 80 2.91 10.03 -8.18
N ASP B 81 4.15 9.79 -8.63
CA ASP B 81 5.29 10.55 -8.11
C ASP B 81 5.60 11.78 -8.95
N GLY B 82 4.81 12.05 -9.97
CA GLY B 82 5.04 13.19 -10.84
C GLY B 82 5.81 12.90 -12.10
N LYS B 83 5.69 11.69 -12.65
CA LYS B 83 6.47 11.30 -13.82
C LYS B 83 5.56 10.65 -14.86
N LEU B 84 5.91 10.89 -16.13
CA LEU B 84 5.22 10.31 -17.28
C LEU B 84 6.30 9.68 -18.16
N ILE B 85 6.38 8.35 -18.14
CA ILE B 85 7.47 7.66 -18.82
C ILE B 85 6.94 6.97 -20.06
N ILE B 86 7.62 7.21 -21.19
CA ILE B 86 7.35 6.54 -22.45
C ILE B 86 8.43 5.51 -22.66
N TRP B 87 8.04 4.23 -22.67
CA TRP B 87 8.92 3.09 -22.78
C TRP B 87 8.86 2.49 -24.18
N ASP B 88 10.00 1.92 -24.59
CA ASP B 88 10.09 1.07 -25.78
C ASP B 88 9.86 -0.36 -25.29
N SER B 89 8.69 -0.91 -25.62
CA SER B 89 8.28 -2.20 -25.05
C SER B 89 9.23 -3.32 -25.47
N TYR B 90 9.64 -3.33 -26.74
CA TYR B 90 10.44 -4.43 -27.25
C TYR B 90 11.80 -4.51 -26.58
N THR B 91 12.46 -3.37 -26.40
CA THR B 91 13.82 -3.32 -25.87
C THR B 91 13.91 -2.75 -24.46
N THR B 92 12.76 -2.58 -23.79
CA THR B 92 12.64 -2.14 -22.40
C THR B 92 13.31 -0.81 -22.12
N ASN B 93 13.80 -0.12 -23.14
CA ASN B 93 14.45 1.16 -22.95
C ASN B 93 13.43 2.26 -22.68
N LYS B 94 13.82 3.24 -21.88
CA LYS B 94 12.97 4.40 -21.61
C LYS B 94 13.17 5.44 -22.70
N VAL B 95 12.17 5.58 -23.58
CA VAL B 95 12.28 6.56 -24.66
C VAL B 95 12.21 7.99 -24.12
N HIS B 96 11.27 8.26 -23.20
CA HIS B 96 11.12 9.58 -22.64
C HIS B 96 10.74 9.47 -21.17
N ALA B 97 11.06 10.53 -20.41
CA ALA B 97 10.68 10.64 -18.99
C ALA B 97 10.35 12.10 -18.73
N ILE B 98 9.06 12.45 -18.85
CA ILE B 98 8.60 13.83 -18.69
C ILE B 98 8.23 14.07 -17.24
N PRO B 99 8.85 15.05 -16.58
CA PRO B 99 8.37 15.46 -15.25
C PRO B 99 7.07 16.23 -15.36
N LEU B 100 6.20 16.04 -14.37
CA LEU B 100 4.89 16.67 -14.36
C LEU B 100 4.81 17.73 -13.27
N ARG B 101 4.17 18.85 -13.60
CA ARG B 101 3.95 19.89 -12.61
C ARG B 101 3.07 19.40 -11.47
N SER B 102 2.05 18.62 -11.79
CA SER B 102 1.18 18.01 -10.80
C SER B 102 1.56 16.55 -10.64
N SER B 103 1.79 16.13 -9.39
CA SER B 103 2.24 14.78 -9.08
C SER B 103 1.09 13.80 -8.90
N TRP B 104 -0.16 14.24 -9.05
CA TRP B 104 -1.32 13.39 -8.82
C TRP B 104 -2.01 13.01 -10.12
N VAL B 105 -1.22 12.74 -11.17
CA VAL B 105 -1.79 12.33 -12.45
C VAL B 105 -2.55 11.02 -12.28
N MET B 106 -3.73 10.95 -12.88
CA MET B 106 -4.57 9.77 -12.80
C MET B 106 -4.79 9.08 -14.15
N THR B 107 -4.43 9.73 -15.26
CA THR B 107 -4.66 9.14 -16.57
C THR B 107 -3.66 9.73 -17.56
N CYS B 108 -3.47 9.01 -18.67
CA CYS B 108 -2.58 9.45 -19.73
C CYS B 108 -3.11 8.94 -21.06
N ALA B 109 -2.75 9.62 -22.13
CA ALA B 109 -3.22 9.27 -23.46
C ALA B 109 -2.11 9.49 -24.47
N TYR B 110 -1.99 8.55 -25.42
CA TYR B 110 -1.02 8.66 -26.50
C TYR B 110 -1.75 8.99 -27.79
N ALA B 111 -1.27 10.02 -28.50
CA ALA B 111 -1.90 10.43 -29.73
C ALA B 111 -1.74 9.34 -30.79
N PRO B 112 -2.72 9.19 -31.69
CA PRO B 112 -2.57 8.19 -32.76
C PRO B 112 -1.36 8.44 -33.65
N SER B 113 -1.02 9.71 -33.88
CA SER B 113 0.18 10.03 -34.66
C SER B 113 1.46 9.95 -33.83
N GLY B 114 1.35 9.92 -32.50
CA GLY B 114 2.50 9.80 -31.64
C GLY B 114 3.26 11.09 -31.38
N ASN B 115 2.79 12.22 -31.92
CA ASN B 115 3.47 13.48 -31.75
C ASN B 115 3.09 14.20 -30.46
N TYR B 116 2.04 13.76 -29.78
CA TYR B 116 1.56 14.43 -28.57
C TYR B 116 1.22 13.39 -27.52
N VAL B 117 1.42 13.78 -26.26
CA VAL B 117 1.04 12.94 -25.12
C VAL B 117 0.29 13.80 -24.11
N ALA B 118 -0.87 13.32 -23.69
CA ALA B 118 -1.74 14.06 -22.78
C ALA B 118 -1.80 13.38 -21.43
N CYS B 119 -1.97 14.19 -20.39
CA CYS B 119 -2.09 13.68 -19.02
C CYS B 119 -2.95 14.65 -18.23
N GLY B 120 -3.41 14.18 -17.07
CA GLY B 120 -4.24 14.99 -16.21
C GLY B 120 -4.51 14.26 -14.91
N GLY B 121 -5.10 14.99 -13.96
CA GLY B 121 -5.39 14.41 -12.67
C GLY B 121 -6.14 15.33 -11.73
N LEU B 122 -5.73 15.33 -10.45
CA LEU B 122 -6.41 16.15 -9.45
C LEU B 122 -6.23 17.64 -9.71
N ASP B 123 -5.26 18.03 -10.53
CA ASP B 123 -5.03 19.44 -10.82
C ASP B 123 -6.10 20.04 -11.74
N ASN B 124 -6.98 19.21 -12.30
CA ASN B 124 -8.05 19.62 -13.21
C ASN B 124 -7.53 20.26 -14.49
N ILE B 125 -6.26 20.05 -14.83
CA ILE B 125 -5.65 20.62 -16.02
C ILE B 125 -5.19 19.48 -16.92
N CYS B 126 -5.53 19.57 -18.20
CA CYS B 126 -5.11 18.59 -19.20
C CYS B 126 -3.82 19.11 -19.84
N SER B 127 -2.70 18.49 -19.49
CA SER B 127 -1.40 18.91 -20.00
C SER B 127 -1.02 18.05 -21.19
N ILE B 128 -0.75 18.71 -22.32
CA ILE B 128 -0.37 18.04 -23.56
C ILE B 128 1.06 18.46 -23.91
N TYR B 129 1.92 17.47 -24.12
CA TYR B 129 3.34 17.67 -24.38
C TYR B 129 3.69 17.16 -25.77
N ASN B 130 4.62 17.85 -26.41
CA ASN B 130 5.13 17.44 -27.71
C ASN B 130 6.25 16.42 -27.57
N LEU B 131 6.46 15.64 -28.63
CA LEU B 131 7.55 14.68 -28.68
C LEU B 131 8.47 14.89 -29.87
N LYS B 132 8.13 15.80 -30.79
CA LYS B 132 8.89 16.03 -32.00
C LYS B 132 9.27 17.50 -32.11
N THR B 133 9.79 18.06 -31.01
CA THR B 133 10.19 19.45 -30.98
C THR B 133 11.43 19.67 -31.85
N ARG B 134 11.64 20.93 -32.23
CA ARG B 134 12.79 21.28 -33.05
C ARG B 134 14.10 21.01 -32.31
N GLU B 135 14.16 21.36 -31.03
CA GLU B 135 15.36 21.14 -30.23
C GLU B 135 15.48 19.71 -29.73
N GLY B 136 14.40 18.93 -29.77
CA GLY B 136 14.42 17.56 -29.30
C GLY B 136 14.07 17.38 -27.84
N ASN B 137 13.83 18.46 -27.11
CA ASN B 137 13.47 18.39 -25.70
C ASN B 137 11.96 18.57 -25.54
N VAL B 138 11.35 17.68 -24.75
CA VAL B 138 9.91 17.74 -24.52
C VAL B 138 9.59 18.90 -23.59
N ARG B 139 8.41 19.49 -23.79
CA ARG B 139 7.96 20.59 -22.95
C ARG B 139 6.44 20.64 -23.00
N VAL B 140 5.87 21.45 -22.11
CA VAL B 140 4.41 21.58 -22.03
C VAL B 140 3.92 22.34 -23.24
N SER B 141 3.35 21.62 -24.22
CA SER B 141 2.84 22.26 -25.42
C SER B 141 1.58 23.06 -25.12
N ARG B 142 0.63 22.46 -24.41
CA ARG B 142 -0.64 23.13 -24.11
C ARG B 142 -1.16 22.69 -22.76
N GLU B 143 -1.99 23.54 -22.17
CA GLU B 143 -2.71 23.22 -20.94
C GLU B 143 -4.17 23.58 -21.12
N LEU B 144 -5.05 22.64 -20.81
CA LEU B 144 -6.49 22.83 -20.93
C LEU B 144 -7.11 22.97 -19.54
N ALA B 145 -7.90 24.02 -19.35
CA ALA B 145 -8.54 24.30 -18.07
C ALA B 145 -10.01 24.61 -18.29
N GLY B 146 -10.81 24.30 -17.27
CA GLY B 146 -12.25 24.51 -17.35
C GLY B 146 -13.06 23.47 -16.61
N HIS B 147 -12.45 22.33 -16.33
CA HIS B 147 -13.13 21.30 -15.53
C HIS B 147 -13.08 21.66 -14.05
N THR B 148 -14.22 21.51 -13.39
CA THR B 148 -14.34 21.77 -11.96
C THR B 148 -14.14 20.51 -11.12
N GLY B 149 -13.79 19.38 -11.75
CA GLY B 149 -13.53 18.16 -11.03
C GLY B 149 -12.24 17.51 -11.52
N TYR B 150 -11.84 16.46 -10.83
CA TYR B 150 -10.61 15.77 -11.16
C TYR B 150 -10.72 15.11 -12.54
N LEU B 151 -9.65 15.22 -13.32
CA LEU B 151 -9.61 14.64 -14.66
C LEU B 151 -9.42 13.13 -14.54
N SER B 152 -10.42 12.35 -14.93
CA SER B 152 -10.35 10.91 -14.73
C SER B 152 -9.82 10.17 -15.95
N CYS B 153 -10.18 10.61 -17.15
CA CYS B 153 -9.73 9.94 -18.36
C CYS B 153 -9.65 10.94 -19.50
N CYS B 154 -8.83 10.61 -20.50
CA CYS B 154 -8.68 11.44 -21.69
C CYS B 154 -8.21 10.56 -22.84
N ARG B 155 -8.70 10.87 -24.04
CA ARG B 155 -8.36 10.09 -25.22
C ARG B 155 -8.26 11.01 -26.43
N PHE B 156 -7.23 10.79 -27.25
CA PHE B 156 -7.04 11.59 -28.45
C PHE B 156 -7.93 11.08 -29.57
N LEU B 157 -8.55 12.01 -30.29
CA LEU B 157 -9.23 11.70 -31.55
C LEU B 157 -8.36 12.01 -32.76
N ASP B 158 -7.59 13.08 -32.68
CA ASP B 158 -6.64 13.47 -33.70
C ASP B 158 -5.58 14.35 -33.05
N ASP B 159 -4.78 15.03 -33.88
CA ASP B 159 -3.74 15.91 -33.37
C ASP B 159 -4.30 17.26 -32.91
N ASN B 160 -5.59 17.52 -33.10
CA ASN B 160 -6.16 18.83 -32.82
C ASN B 160 -7.35 18.79 -31.85
N GLN B 161 -7.96 17.64 -31.61
CA GLN B 161 -9.10 17.53 -30.72
C GLN B 161 -8.90 16.38 -29.75
N ILE B 162 -9.35 16.58 -28.51
CA ILE B 162 -9.19 15.57 -27.46
C ILE B 162 -10.46 15.49 -26.63
N VAL B 163 -10.89 14.29 -26.30
CA VAL B 163 -12.05 14.06 -25.44
C VAL B 163 -11.55 13.77 -24.03
N THR B 164 -12.05 14.51 -23.06
CA THR B 164 -11.59 14.42 -21.67
C THR B 164 -12.79 14.34 -20.73
N SER B 165 -12.77 13.36 -19.83
CA SER B 165 -13.81 13.20 -18.83
C SER B 165 -13.28 13.63 -17.46
N SER B 166 -14.13 14.34 -16.72
CA SER B 166 -13.71 14.89 -15.44
C SER B 166 -14.65 14.38 -14.34
N GLY B 167 -14.20 14.57 -13.09
CA GLY B 167 -14.97 14.17 -11.94
C GLY B 167 -16.16 15.05 -11.63
N ASP B 168 -16.37 16.12 -12.40
CA ASP B 168 -17.53 16.99 -12.24
C ASP B 168 -18.74 16.48 -13.01
N THR B 169 -18.82 15.17 -13.27
CA THR B 169 -19.91 14.56 -14.02
C THR B 169 -20.04 15.16 -15.42
N THR B 170 -18.92 15.47 -16.06
CA THR B 170 -18.93 16.15 -17.34
C THR B 170 -17.79 15.65 -18.21
N CYS B 171 -18.09 15.49 -19.51
CA CYS B 171 -17.08 15.22 -20.52
C CYS B 171 -16.98 16.43 -21.43
N ALA B 172 -15.84 16.61 -22.06
CA ALA B 172 -15.61 17.76 -22.92
C ALA B 172 -14.70 17.41 -24.08
N LEU B 173 -15.08 17.83 -25.27
CA LEU B 173 -14.23 17.78 -26.45
C LEU B 173 -13.54 19.12 -26.60
N TRP B 174 -12.22 19.13 -26.45
CA TRP B 174 -11.37 20.30 -26.48
C TRP B 174 -10.63 20.38 -27.81
N ASP B 175 -10.32 21.62 -28.21
CA ASP B 175 -9.52 21.91 -29.39
C ASP B 175 -8.13 22.30 -28.92
N ILE B 176 -7.10 21.62 -29.44
CA ILE B 176 -5.74 21.87 -29.01
C ILE B 176 -5.28 23.28 -29.42
N GLU B 177 -5.61 23.69 -30.64
CA GLU B 177 -5.12 24.96 -31.16
C GLU B 177 -5.63 26.14 -30.34
N THR B 178 -6.92 26.11 -29.96
CA THR B 178 -7.53 27.21 -29.23
C THR B 178 -7.58 27.00 -27.72
N GLY B 179 -7.44 25.77 -27.24
CA GLY B 179 -7.49 25.50 -25.82
C GLY B 179 -8.82 25.83 -25.18
N GLN B 180 -9.92 25.52 -25.86
CA GLN B 180 -11.26 25.80 -25.35
C GLN B 180 -12.14 24.59 -25.57
N GLN B 181 -13.18 24.47 -24.74
CA GLN B 181 -14.12 23.36 -24.84
C GLN B 181 -14.97 23.52 -26.10
N THR B 182 -14.67 22.73 -27.14
CA THR B 182 -15.47 22.77 -28.35
C THR B 182 -16.85 22.17 -28.11
N THR B 183 -16.94 21.11 -27.32
CA THR B 183 -18.21 20.46 -27.05
C THR B 183 -18.27 20.04 -25.59
N THR B 184 -19.46 20.07 -25.01
CA THR B 184 -19.68 19.68 -23.62
C THR B 184 -20.77 18.61 -23.55
N PHE B 185 -20.49 17.54 -22.80
CA PHE B 185 -21.42 16.43 -22.60
C PHE B 185 -21.74 16.35 -21.11
N THR B 186 -23.03 16.48 -20.79
CA THR B 186 -23.51 16.44 -19.43
C THR B 186 -24.73 15.53 -19.35
N GLY B 187 -25.04 15.07 -18.13
CA GLY B 187 -26.14 14.17 -17.93
C GLY B 187 -25.89 13.14 -16.86
N HIS B 188 -24.62 12.81 -16.62
CA HIS B 188 -24.28 11.89 -15.53
C HIS B 188 -24.52 12.55 -14.18
N THR B 189 -25.00 11.76 -13.23
CA THR B 189 -25.17 12.25 -11.86
C THR B 189 -23.98 11.91 -10.98
N GLY B 190 -23.27 10.82 -11.28
CA GLY B 190 -22.06 10.45 -10.57
C GLY B 190 -20.81 10.83 -11.35
N ASP B 191 -19.68 10.75 -10.64
CA ASP B 191 -18.40 11.14 -11.24
C ASP B 191 -18.02 10.18 -12.36
N VAL B 192 -17.71 10.73 -13.52
CA VAL B 192 -17.32 9.92 -14.68
C VAL B 192 -15.91 9.41 -14.46
N MET B 193 -15.73 8.10 -14.58
CA MET B 193 -14.46 7.46 -14.28
C MET B 193 -13.64 7.10 -15.51
N SER B 194 -14.28 6.77 -16.63
CA SER B 194 -13.56 6.37 -17.82
C SER B 194 -14.42 6.61 -19.06
N LEU B 195 -13.75 6.64 -20.21
CA LEU B 195 -14.42 6.77 -21.48
C LEU B 195 -13.73 5.86 -22.49
N SER B 196 -14.50 5.43 -23.49
CA SER B 196 -13.98 4.54 -24.53
C SER B 196 -14.42 5.06 -25.89
N LEU B 197 -13.45 5.25 -26.79
CA LEU B 197 -13.75 5.75 -28.12
C LEU B 197 -14.16 4.60 -29.05
N ALA B 198 -15.16 4.87 -29.89
CA ALA B 198 -15.55 3.92 -30.90
C ALA B 198 -14.49 3.85 -32.00
N PRO B 199 -14.43 2.73 -32.74
CA PRO B 199 -13.44 2.62 -33.82
C PRO B 199 -13.54 3.73 -34.86
N ASP B 200 -14.76 4.18 -35.17
CA ASP B 200 -14.94 5.27 -36.12
C ASP B 200 -14.81 6.64 -35.48
N THR B 201 -14.64 6.71 -34.16
CA THR B 201 -14.44 7.93 -33.37
C THR B 201 -15.64 8.86 -33.41
N ARG B 202 -16.75 8.49 -34.05
CA ARG B 202 -17.93 9.34 -34.08
C ARG B 202 -18.71 9.33 -32.78
N LEU B 203 -18.65 8.24 -32.03
CA LEU B 203 -19.38 8.09 -30.78
C LEU B 203 -18.41 7.66 -29.69
N PHE B 204 -18.78 7.93 -28.44
CA PHE B 204 -17.98 7.44 -27.32
C PHE B 204 -18.88 7.13 -26.13
N VAL B 205 -18.49 6.11 -25.38
CA VAL B 205 -19.24 5.66 -24.20
C VAL B 205 -18.49 6.09 -22.96
N SER B 206 -19.25 6.52 -21.95
CA SER B 206 -18.67 7.00 -20.70
C SER B 206 -19.42 6.38 -19.53
N GLY B 207 -18.67 5.90 -18.56
CA GLY B 207 -19.23 5.31 -17.35
C GLY B 207 -18.93 6.19 -16.14
N ALA B 208 -19.90 6.25 -15.23
CA ALA B 208 -19.81 7.10 -14.05
C ALA B 208 -20.02 6.26 -12.80
N CYS B 209 -20.10 6.95 -11.66
CA CYS B 209 -20.27 6.31 -10.37
C CYS B 209 -21.72 6.11 -9.99
N ASP B 210 -22.65 6.42 -10.89
CA ASP B 210 -24.08 6.24 -10.64
C ASP B 210 -24.62 4.92 -11.19
N ALA B 211 -23.74 3.94 -11.38
CA ALA B 211 -24.13 2.62 -11.89
C ALA B 211 -24.83 2.72 -13.24
N SER B 212 -24.33 3.61 -14.10
CA SER B 212 -24.90 3.79 -15.43
C SER B 212 -23.80 4.18 -16.40
N ALA B 213 -24.03 3.86 -17.67
CA ALA B 213 -23.14 4.23 -18.76
C ALA B 213 -23.96 4.91 -19.85
N LYS B 214 -23.35 5.91 -20.49
CA LYS B 214 -24.06 6.72 -21.47
C LYS B 214 -23.24 6.81 -22.76
N LEU B 215 -23.95 6.77 -23.88
CA LEU B 215 -23.37 6.89 -25.21
C LEU B 215 -23.59 8.30 -25.73
N TRP B 216 -22.54 8.91 -26.26
CA TRP B 216 -22.57 10.30 -26.70
C TRP B 216 -22.04 10.42 -28.12
N ASP B 217 -22.65 11.33 -28.88
CA ASP B 217 -22.19 11.69 -30.21
C ASP B 217 -21.13 12.77 -30.10
N VAL B 218 -19.96 12.52 -30.70
CA VAL B 218 -18.88 13.51 -30.64
C VAL B 218 -19.26 14.79 -31.39
N ARG B 219 -19.83 14.64 -32.60
CA ARG B 219 -20.12 15.79 -33.44
C ARG B 219 -21.34 16.58 -32.96
N GLU B 220 -22.32 15.90 -32.35
CA GLU B 220 -23.55 16.56 -31.91
C GLU B 220 -23.53 16.98 -30.45
N GLY B 221 -23.29 16.05 -29.53
CA GLY B 221 -23.16 16.40 -28.13
C GLY B 221 -24.36 16.12 -27.25
N MET B 222 -25.12 15.07 -27.54
CA MET B 222 -26.23 14.67 -26.68
C MET B 222 -26.15 13.17 -26.42
N CYS B 223 -26.66 12.76 -25.27
CA CYS B 223 -26.67 11.35 -24.92
C CYS B 223 -27.63 10.57 -25.80
N ARG B 224 -27.19 9.40 -26.26
CA ARG B 224 -28.01 8.56 -27.11
C ARG B 224 -28.66 7.41 -26.32
N GLN B 225 -27.86 6.63 -25.61
CA GLN B 225 -28.36 5.47 -24.89
C GLN B 225 -27.80 5.47 -23.47
N THR B 226 -28.60 4.98 -22.54
CA THR B 226 -28.24 4.89 -21.13
C THR B 226 -28.46 3.46 -20.63
N PHE B 227 -27.50 2.95 -19.87
CA PHE B 227 -27.53 1.60 -19.35
C PHE B 227 -27.35 1.62 -17.84
N THR B 228 -28.17 0.85 -17.13
CA THR B 228 -28.14 0.82 -15.66
C THR B 228 -28.09 -0.61 -15.14
N GLY B 229 -27.37 -1.50 -15.82
CA GLY B 229 -27.28 -2.88 -15.37
C GLY B 229 -26.54 -3.03 -14.06
N HIS B 230 -25.46 -2.27 -13.88
CA HIS B 230 -24.62 -2.41 -12.70
C HIS B 230 -25.33 -1.88 -11.46
N GLU B 231 -24.83 -2.33 -10.30
CA GLU B 231 -25.36 -1.93 -9.00
C GLU B 231 -24.43 -1.03 -8.22
N SER B 232 -23.22 -0.77 -8.71
CA SER B 232 -22.25 0.03 -8.00
C SER B 232 -21.53 0.93 -9.00
N ASP B 233 -20.50 1.64 -8.53
CA ASP B 233 -19.79 2.58 -9.38
C ASP B 233 -19.02 1.84 -10.47
N ILE B 234 -19.15 2.33 -11.70
CA ILE B 234 -18.44 1.77 -12.84
C ILE B 234 -17.07 2.42 -12.91
N ASN B 235 -16.02 1.61 -12.83
CA ASN B 235 -14.66 2.14 -12.80
C ASN B 235 -13.97 2.12 -14.17
N ALA B 236 -14.40 1.26 -15.08
CA ALA B 236 -13.77 1.14 -16.38
C ALA B 236 -14.79 0.79 -17.44
N ILE B 237 -14.45 1.08 -18.69
CA ILE B 237 -15.30 0.80 -19.83
C ILE B 237 -14.41 0.68 -21.06
N CYS B 238 -14.76 -0.25 -21.96
CA CYS B 238 -13.99 -0.48 -23.16
C CYS B 238 -14.92 -0.88 -24.29
N PHE B 239 -14.71 -0.30 -25.46
CA PHE B 239 -15.54 -0.59 -26.62
C PHE B 239 -15.19 -1.96 -27.21
N PHE B 240 -16.20 -2.64 -27.74
CA PHE B 240 -15.96 -3.87 -28.47
C PHE B 240 -15.22 -3.55 -29.77
N PRO B 241 -14.42 -4.48 -30.30
CA PRO B 241 -13.69 -4.19 -31.55
C PRO B 241 -14.59 -3.82 -32.72
N ASN B 242 -15.79 -4.38 -32.80
CA ASN B 242 -16.71 -4.04 -33.88
C ASN B 242 -17.42 -2.71 -33.66
N GLY B 243 -17.38 -2.15 -32.45
CA GLY B 243 -17.99 -0.89 -32.16
C GLY B 243 -19.47 -0.94 -31.84
N ASN B 244 -20.08 -2.12 -31.83
CA ASN B 244 -21.50 -2.27 -31.55
C ASN B 244 -21.79 -2.68 -30.10
N ALA B 245 -20.78 -2.79 -29.25
CA ALA B 245 -20.98 -3.21 -27.88
C ALA B 245 -19.82 -2.69 -27.04
N PHE B 246 -19.95 -2.87 -25.72
CA PHE B 246 -18.90 -2.49 -24.79
C PHE B 246 -19.06 -3.30 -23.51
N ALA B 247 -18.01 -3.28 -22.69
CA ALA B 247 -18.00 -3.97 -21.40
C ALA B 247 -17.69 -2.97 -20.29
N THR B 248 -18.31 -3.17 -19.14
CA THR B 248 -18.17 -2.28 -18.00
C THR B 248 -17.86 -3.10 -16.74
N GLY B 249 -16.86 -2.64 -15.99
CA GLY B 249 -16.52 -3.24 -14.71
C GLY B 249 -16.86 -2.30 -13.57
N SER B 250 -17.35 -2.87 -12.47
CA SER B 250 -17.82 -2.09 -11.34
C SER B 250 -17.31 -2.71 -10.04
N ASP B 251 -17.54 -1.99 -8.94
CA ASP B 251 -17.12 -2.44 -7.61
C ASP B 251 -17.93 -3.61 -7.10
N ASP B 252 -19.01 -3.98 -7.78
CA ASP B 252 -19.85 -5.11 -7.35
C ASP B 252 -19.25 -6.46 -7.72
N ALA B 253 -17.98 -6.50 -8.13
CA ALA B 253 -17.30 -7.73 -8.52
C ALA B 253 -18.05 -8.44 -9.64
N THR B 254 -18.47 -7.66 -10.64
CA THR B 254 -19.22 -8.20 -11.77
C THR B 254 -19.01 -7.32 -12.98
N CYS B 255 -18.56 -7.93 -14.07
CA CYS B 255 -18.48 -7.27 -15.37
C CYS B 255 -19.79 -7.48 -16.13
N ARG B 256 -20.15 -6.49 -16.93
CA ARG B 256 -21.38 -6.58 -17.72
C ARG B 256 -21.12 -6.13 -19.15
N LEU B 257 -21.69 -6.87 -20.10
CA LEU B 257 -21.56 -6.58 -21.52
C LEU B 257 -22.86 -5.97 -22.02
N PHE B 258 -22.77 -4.76 -22.58
CA PHE B 258 -23.93 -4.05 -23.11
C PHE B 258 -23.77 -3.88 -24.61
N ASP B 259 -24.91 -3.98 -25.31
CA ASP B 259 -24.95 -3.82 -26.76
C ASP B 259 -25.63 -2.51 -27.11
N LEU B 260 -25.04 -1.77 -28.04
CA LEU B 260 -25.61 -0.50 -28.48
C LEU B 260 -26.91 -0.67 -29.26
N ARG B 261 -27.23 -1.88 -29.71
CA ARG B 261 -28.47 -2.15 -30.42
C ARG B 261 -29.53 -2.79 -29.55
N ALA B 262 -29.15 -3.76 -28.71
CA ALA B 262 -30.11 -4.38 -27.81
C ALA B 262 -30.51 -3.45 -26.67
N ASP B 263 -29.64 -2.48 -26.34
CA ASP B 263 -29.93 -1.49 -25.30
C ASP B 263 -30.18 -2.13 -23.94
N GLN B 264 -29.50 -3.25 -23.68
CA GLN B 264 -29.61 -3.94 -22.40
C GLN B 264 -28.39 -4.84 -22.23
N GLU B 265 -28.16 -5.26 -20.99
CA GLU B 265 -27.04 -6.13 -20.69
C GLU B 265 -27.23 -7.50 -21.34
N LEU B 266 -26.16 -8.00 -21.96
CA LEU B 266 -26.22 -9.30 -22.62
C LEU B 266 -25.60 -10.40 -21.77
N MET B 267 -24.42 -10.15 -21.19
CA MET B 267 -23.72 -11.17 -20.42
C MET B 267 -23.18 -10.56 -19.14
N THR B 268 -23.22 -11.35 -18.07
CA THR B 268 -22.69 -10.96 -16.77
C THR B 268 -21.59 -11.93 -16.36
N TYR B 269 -20.44 -11.38 -16.00
CA TYR B 269 -19.28 -12.17 -15.58
C TYR B 269 -19.05 -11.94 -14.09
N SER B 270 -19.20 -13.00 -13.30
CA SER B 270 -19.03 -12.91 -11.86
C SER B 270 -18.72 -14.30 -11.31
N HIS B 271 -18.20 -14.33 -10.09
CA HIS B 271 -17.86 -15.57 -9.43
C HIS B 271 -18.00 -15.39 -7.93
N ASP B 272 -18.33 -16.49 -7.24
CA ASP B 272 -18.47 -16.45 -5.78
C ASP B 272 -17.15 -16.11 -5.11
N ASN B 273 -16.05 -16.65 -5.61
CA ASN B 273 -14.73 -16.40 -5.02
C ASN B 273 -14.23 -14.99 -5.27
N ILE B 274 -14.88 -14.22 -6.13
CA ILE B 274 -14.48 -12.86 -6.45
C ILE B 274 -15.44 -11.91 -5.75
N ILE B 275 -14.90 -11.06 -4.86
CA ILE B 275 -15.69 -10.09 -4.12
C ILE B 275 -15.10 -8.68 -4.19
N CYS B 276 -13.95 -8.51 -4.83
CA CYS B 276 -13.29 -7.22 -4.89
C CYS B 276 -13.72 -6.45 -6.14
N GLY B 277 -13.41 -5.16 -6.15
CA GLY B 277 -13.82 -4.29 -7.24
C GLY B 277 -13.03 -4.55 -8.51
N ILE B 278 -13.53 -3.97 -9.60
CA ILE B 278 -12.93 -4.09 -10.92
C ILE B 278 -12.44 -2.71 -11.36
N THR B 279 -11.18 -2.64 -11.76
CA THR B 279 -10.52 -1.37 -12.04
C THR B 279 -10.35 -1.09 -13.54
N SER B 280 -9.97 -2.10 -14.33
CA SER B 280 -9.73 -1.90 -15.75
C SER B 280 -10.32 -3.05 -16.54
N VAL B 281 -10.78 -2.74 -17.75
CA VAL B 281 -11.32 -3.74 -18.67
C VAL B 281 -10.84 -3.42 -20.08
N SER B 282 -10.58 -4.46 -20.86
CA SER B 282 -10.13 -4.28 -22.23
C SER B 282 -10.41 -5.55 -23.03
N PHE B 283 -10.70 -5.38 -24.32
CA PHE B 283 -10.92 -6.48 -25.24
C PHE B 283 -9.72 -6.69 -26.13
N SER B 284 -9.51 -7.94 -26.57
CA SER B 284 -8.49 -8.23 -27.56
C SER B 284 -9.00 -7.87 -28.95
N LYS B 285 -8.23 -8.25 -29.98
CA LYS B 285 -8.63 -7.95 -31.34
C LYS B 285 -9.93 -8.66 -31.72
N SER B 286 -10.05 -9.94 -31.36
CA SER B 286 -11.24 -10.72 -31.71
C SER B 286 -12.44 -10.39 -30.82
N GLY B 287 -12.20 -9.86 -29.63
CA GLY B 287 -13.27 -9.59 -28.70
C GLY B 287 -13.76 -10.80 -27.93
N ARG B 288 -13.15 -11.98 -28.15
CA ARG B 288 -13.59 -13.18 -27.45
C ARG B 288 -13.13 -13.19 -26.00
N LEU B 289 -12.01 -12.54 -25.70
CA LEU B 289 -11.44 -12.52 -24.36
C LEU B 289 -11.59 -11.12 -23.77
N LEU B 290 -12.09 -11.07 -22.53
CA LEU B 290 -12.24 -9.81 -21.80
C LEU B 290 -11.30 -9.88 -20.59
N LEU B 291 -10.30 -9.01 -20.57
CA LEU B 291 -9.34 -8.97 -19.47
C LEU B 291 -9.75 -7.87 -18.49
N ALA B 292 -9.88 -8.24 -17.22
CA ALA B 292 -10.33 -7.32 -16.18
C ALA B 292 -9.38 -7.37 -15.00
N GLY B 293 -8.93 -6.20 -14.56
CA GLY B 293 -8.10 -6.12 -13.38
C GLY B 293 -8.93 -5.96 -12.11
N TYR B 294 -8.49 -6.64 -11.06
CA TYR B 294 -9.22 -6.68 -9.81
C TYR B 294 -8.34 -6.19 -8.68
N ASP B 295 -8.97 -5.92 -7.53
CA ASP B 295 -8.25 -5.44 -6.36
C ASP B 295 -7.53 -6.55 -5.60
N ASP B 296 -7.75 -7.81 -5.97
CA ASP B 296 -7.13 -8.94 -5.29
C ASP B 296 -5.76 -9.29 -5.85
N PHE B 297 -5.05 -8.31 -6.41
CA PHE B 297 -3.66 -8.41 -6.88
C PHE B 297 -3.52 -9.29 -8.13
N ASN B 298 -4.61 -9.62 -8.81
CA ASN B 298 -4.54 -10.44 -10.02
C ASN B 298 -5.57 -9.95 -11.03
N CYS B 299 -5.36 -10.37 -12.28
CA CYS B 299 -6.26 -10.05 -13.39
C CYS B 299 -6.93 -11.32 -13.87
N ASN B 300 -8.19 -11.21 -14.28
CA ASN B 300 -8.94 -12.35 -14.78
C ASN B 300 -9.32 -12.14 -16.25
N VAL B 301 -9.09 -13.17 -17.06
CA VAL B 301 -9.48 -13.17 -18.46
C VAL B 301 -10.69 -14.09 -18.60
N TRP B 302 -11.81 -13.50 -19.00
CA TRP B 302 -13.09 -14.19 -19.14
C TRP B 302 -13.40 -14.40 -20.61
N ASP B 303 -14.16 -15.46 -20.89
CA ASP B 303 -14.68 -15.70 -22.23
C ASP B 303 -15.92 -14.82 -22.44
N ALA B 304 -15.90 -14.00 -23.49
CA ALA B 304 -17.00 -13.06 -23.71
C ALA B 304 -18.31 -13.78 -24.00
N LEU B 305 -18.24 -14.98 -24.56
CA LEU B 305 -19.45 -15.72 -24.93
C LEU B 305 -19.83 -16.75 -23.88
N LYS B 306 -18.85 -17.43 -23.30
CA LYS B 306 -19.12 -18.49 -22.33
C LYS B 306 -19.24 -17.96 -20.90
N ALA B 307 -18.64 -16.82 -20.60
CA ALA B 307 -18.68 -16.21 -19.27
C ALA B 307 -18.11 -17.15 -18.21
N ASP B 308 -16.86 -17.55 -18.43
CA ASP B 308 -16.13 -18.40 -17.49
C ASP B 308 -14.72 -17.86 -17.34
N ARG B 309 -14.09 -18.21 -16.20
CA ARG B 309 -12.74 -17.76 -15.90
C ARG B 309 -11.75 -18.52 -16.78
N ALA B 310 -11.54 -17.97 -17.98
CA ALA B 310 -10.63 -18.60 -18.93
C ALA B 310 -9.19 -18.59 -18.45
N GLY B 311 -8.75 -17.51 -17.80
CA GLY B 311 -7.37 -17.45 -17.34
C GLY B 311 -7.20 -16.49 -16.19
N VAL B 312 -6.09 -16.67 -15.48
CA VAL B 312 -5.72 -15.85 -14.34
C VAL B 312 -4.28 -15.40 -14.50
N LEU B 313 -4.03 -14.10 -14.32
CA LEU B 313 -2.70 -13.52 -14.37
C LEU B 313 -2.38 -12.94 -13.01
N ALA B 314 -1.52 -13.63 -12.26
CA ALA B 314 -1.15 -13.23 -10.91
C ALA B 314 0.35 -12.95 -10.89
N GLY B 315 0.72 -11.71 -11.18
CA GLY B 315 2.11 -11.31 -11.18
C GLY B 315 2.35 -9.91 -10.66
N HIS B 316 1.37 -9.36 -9.94
CA HIS B 316 1.46 -8.02 -9.39
C HIS B 316 1.36 -8.06 -7.87
N ASP B 317 2.19 -7.27 -7.20
CA ASP B 317 2.21 -7.25 -5.75
C ASP B 317 1.02 -6.47 -5.17
N ASN B 318 0.55 -5.45 -5.88
CA ASN B 318 -0.55 -4.61 -5.42
C ASN B 318 -1.71 -4.71 -6.42
N ARG B 319 -2.76 -3.93 -6.15
CA ARG B 319 -3.95 -3.97 -7.00
C ARG B 319 -3.65 -3.48 -8.40
N VAL B 320 -4.31 -4.09 -9.38
CA VAL B 320 -4.16 -3.67 -10.77
C VAL B 320 -4.92 -2.36 -10.97
N SER B 321 -4.22 -1.34 -11.48
CA SER B 321 -4.82 -0.03 -11.69
C SER B 321 -5.18 0.24 -13.13
N CYS B 322 -4.52 -0.41 -14.09
CA CYS B 322 -4.76 -0.14 -15.50
C CYS B 322 -4.38 -1.37 -16.33
N LEU B 323 -5.05 -1.50 -17.47
CA LEU B 323 -4.80 -2.60 -18.39
C LEU B 323 -4.97 -2.09 -19.81
N GLY B 324 -4.15 -2.63 -20.71
CA GLY B 324 -4.20 -2.23 -22.10
C GLY B 324 -3.78 -3.35 -23.02
N VAL B 325 -4.34 -3.34 -24.23
CA VAL B 325 -4.05 -4.33 -25.26
C VAL B 325 -3.59 -3.61 -26.51
N THR B 326 -2.51 -4.09 -27.11
CA THR B 326 -1.96 -3.46 -28.29
C THR B 326 -2.93 -3.56 -29.46
N ASP B 327 -2.73 -2.67 -30.45
CA ASP B 327 -3.60 -2.68 -31.63
C ASP B 327 -3.49 -3.99 -32.39
N ASP B 328 -2.28 -4.52 -32.53
CA ASP B 328 -2.09 -5.83 -33.15
C ASP B 328 -2.35 -6.97 -32.18
N GLY B 329 -2.61 -6.69 -30.91
CA GLY B 329 -2.92 -7.72 -29.95
C GLY B 329 -1.80 -8.71 -29.68
N MET B 330 -0.55 -8.26 -29.73
CA MET B 330 0.58 -9.15 -29.51
C MET B 330 0.87 -9.41 -28.04
N ALA B 331 0.54 -8.47 -27.15
CA ALA B 331 0.80 -8.62 -25.73
C ALA B 331 -0.14 -7.70 -24.97
N VAL B 332 -0.26 -7.94 -23.67
CA VAL B 332 -1.15 -7.17 -22.80
C VAL B 332 -0.32 -6.54 -21.70
N ALA B 333 -0.49 -5.23 -21.51
CA ALA B 333 0.25 -4.49 -20.50
C ALA B 333 -0.67 -4.25 -19.31
N THR B 334 -0.16 -4.49 -18.11
CA THR B 334 -0.94 -4.35 -16.88
C THR B 334 -0.12 -3.56 -15.88
N GLY B 335 -0.67 -2.44 -15.42
CA GLY B 335 -0.05 -1.64 -14.39
C GLY B 335 -0.64 -1.93 -13.03
N SER B 336 0.10 -1.56 -11.99
CA SER B 336 -0.33 -1.84 -10.63
C SER B 336 0.27 -0.79 -9.70
N TRP B 337 -0.24 -0.75 -8.48
CA TRP B 337 0.24 0.20 -7.48
C TRP B 337 1.61 -0.18 -6.93
N ASP B 338 2.12 -1.37 -7.26
CA ASP B 338 3.45 -1.78 -6.83
C ASP B 338 4.56 -1.22 -7.71
N SER B 339 4.28 -0.18 -8.49
CA SER B 339 5.24 0.54 -9.33
C SER B 339 5.83 -0.33 -10.44
N PHE B 340 5.23 -1.48 -10.74
CA PHE B 340 5.72 -2.38 -11.76
C PHE B 340 4.66 -2.56 -12.85
N LEU B 341 5.09 -2.45 -14.10
CA LEU B 341 4.23 -2.65 -15.27
C LEU B 341 4.62 -3.97 -15.92
N LYS B 342 3.72 -4.95 -15.86
CA LYS B 342 3.99 -6.29 -16.36
C LYS B 342 3.38 -6.47 -17.74
N ILE B 343 4.17 -7.03 -18.66
CA ILE B 343 3.71 -7.35 -20.00
C ILE B 343 3.55 -8.86 -20.10
N TRP B 344 2.35 -9.29 -20.48
CA TRP B 344 1.99 -10.69 -20.54
C TRP B 344 1.73 -11.11 -21.98
N ASN B 345 2.17 -12.31 -22.33
CA ASN B 345 1.96 -12.85 -23.66
C ASN B 345 1.79 -14.35 -23.56
N GLY B 346 1.11 -14.93 -24.56
CA GLY B 346 0.87 -16.35 -24.60
C GLY B 346 1.94 -17.09 -25.39
N SER B 347 2.04 -18.40 -25.11
CA SER B 347 3.00 -19.27 -25.77
C SER B 347 2.31 -20.56 -26.21
N SER B 348 2.70 -21.05 -27.37
CA SER B 348 2.13 -22.29 -27.91
C SER B 348 2.98 -23.50 -27.54
N THR C 6 -35.58 27.46 -7.87
CA THR C 6 -34.67 26.33 -7.96
C THR C 6 -34.65 25.75 -9.37
N ALA C 7 -33.68 24.87 -9.63
CA ALA C 7 -33.53 24.23 -10.94
C ALA C 7 -34.09 22.82 -10.98
N SER C 8 -34.85 22.42 -9.95
CA SER C 8 -35.42 21.08 -9.93
C SER C 8 -36.40 20.87 -11.07
N ILE C 9 -37.23 21.88 -11.35
CA ILE C 9 -38.20 21.76 -12.45
C ILE C 9 -37.48 21.65 -13.78
N ALA C 10 -36.46 22.48 -14.00
CA ALA C 10 -35.70 22.42 -15.24
C ALA C 10 -34.98 21.08 -15.38
N GLN C 11 -34.40 20.57 -14.29
CA GLN C 11 -33.72 19.28 -14.33
C GLN C 11 -34.71 18.16 -14.66
N ALA C 12 -35.90 18.19 -14.06
CA ALA C 12 -36.90 17.18 -14.35
C ALA C 12 -37.36 17.27 -15.81
N ARG C 13 -37.54 18.48 -16.33
CA ARG C 13 -37.93 18.64 -17.72
C ARG C 13 -36.86 18.11 -18.66
N LYS C 14 -35.59 18.39 -18.37
CA LYS C 14 -34.50 17.87 -19.19
C LYS C 14 -34.43 16.35 -19.12
N LEU C 15 -34.65 15.77 -17.93
CA LEU C 15 -34.67 14.32 -17.81
C LEU C 15 -35.80 13.71 -18.62
N VAL C 16 -36.98 14.33 -18.58
CA VAL C 16 -38.12 13.83 -19.36
C VAL C 16 -37.82 13.92 -20.85
N GLU C 17 -37.21 15.03 -21.30
CA GLU C 17 -36.86 15.15 -22.71
C GLU C 17 -35.83 14.10 -23.12
N GLN C 18 -34.85 13.84 -22.27
CA GLN C 18 -33.86 12.82 -22.57
C GLN C 18 -34.49 11.44 -22.64
N LEU C 19 -35.42 11.14 -21.72
CA LEU C 19 -36.11 9.86 -21.77
C LEU C 19 -36.95 9.72 -23.03
N LYS C 20 -37.62 10.81 -23.45
CA LYS C 20 -38.37 10.78 -24.70
C LYS C 20 -37.46 10.53 -25.89
N MET C 21 -36.29 11.18 -25.90
CA MET C 21 -35.34 10.96 -26.99
C MET C 21 -34.85 9.52 -27.01
N GLU C 22 -34.57 8.95 -25.83
CA GLU C 22 -34.06 7.59 -25.78
C GLU C 22 -35.14 6.56 -26.09
N ALA C 23 -36.41 6.90 -25.85
CA ALA C 23 -37.49 5.95 -26.13
C ALA C 23 -37.70 5.76 -27.62
N ASN C 24 -37.54 6.84 -28.40
CA ASN C 24 -37.79 6.79 -29.84
C ASN C 24 -36.49 6.37 -30.54
N ILE C 25 -36.17 5.08 -30.40
CA ILE C 25 -35.01 4.49 -31.06
C ILE C 25 -35.44 3.18 -31.72
N ASP C 26 -34.70 2.80 -32.75
CA ASP C 26 -34.99 1.58 -33.52
C ASP C 26 -34.29 0.41 -32.85
N ARG C 27 -34.91 -0.15 -31.82
CA ARG C 27 -34.37 -1.32 -31.15
C ARG C 27 -34.54 -2.56 -32.01
N ILE C 28 -33.66 -3.54 -31.79
CA ILE C 28 -33.67 -4.78 -32.54
C ILE C 28 -33.60 -5.96 -31.56
N LYS C 29 -33.88 -7.14 -32.08
CA LYS C 29 -33.93 -8.34 -31.24
C LYS C 29 -32.55 -8.65 -30.68
N VAL C 30 -32.53 -9.10 -29.42
CA VAL C 30 -31.28 -9.44 -28.75
C VAL C 30 -30.60 -10.62 -29.43
N SER C 31 -31.39 -11.55 -29.98
CA SER C 31 -30.82 -12.72 -30.64
C SER C 31 -29.96 -12.31 -31.83
N LYS C 32 -30.41 -11.34 -32.62
CA LYS C 32 -29.63 -10.89 -33.77
C LYS C 32 -28.31 -10.26 -33.33
N ALA C 33 -28.35 -9.44 -32.28
CA ALA C 33 -27.12 -8.83 -31.78
C ALA C 33 -26.14 -9.88 -31.26
N ALA C 34 -26.66 -10.87 -30.52
CA ALA C 34 -25.80 -11.94 -30.03
C ALA C 34 -25.20 -12.74 -31.18
N ALA C 35 -25.99 -13.02 -32.21
CA ALA C 35 -25.48 -13.72 -33.38
C ALA C 35 -24.40 -12.90 -34.08
N ASP C 36 -24.61 -11.59 -34.20
CA ASP C 36 -23.60 -10.74 -34.81
C ASP C 36 -22.30 -10.74 -34.01
N LEU C 37 -22.41 -10.67 -32.68
CA LEU C 37 -21.21 -10.71 -31.84
C LEU C 37 -20.49 -12.05 -31.99
N MET C 38 -21.25 -13.16 -32.01
CA MET C 38 -20.63 -14.46 -32.19
C MET C 38 -19.94 -14.58 -33.53
N ALA C 39 -20.58 -14.07 -34.60
CA ALA C 39 -19.96 -14.12 -35.92
C ALA C 39 -18.70 -13.27 -35.98
N TYR C 40 -18.72 -12.10 -35.34
CA TYR C 40 -17.52 -11.26 -35.32
C TYR C 40 -16.39 -11.95 -34.55
N CYS C 41 -16.72 -12.59 -33.42
CA CYS C 41 -15.70 -13.30 -32.66
C CYS C 41 -15.11 -14.46 -33.45
N GLU C 42 -15.97 -15.22 -34.15
CA GLU C 42 -15.49 -16.36 -34.92
C GLU C 42 -14.65 -15.92 -36.12
N ALA C 43 -15.06 -14.83 -36.78
CA ALA C 43 -14.36 -14.38 -37.98
C ALA C 43 -12.93 -13.95 -37.67
N HIS C 44 -12.73 -13.27 -36.54
CA HIS C 44 -11.43 -12.74 -36.17
C HIS C 44 -10.73 -13.60 -35.12
N ALA C 45 -11.22 -14.83 -34.90
CA ALA C 45 -10.62 -15.69 -33.90
C ALA C 45 -9.17 -16.04 -34.26
N LYS C 46 -8.91 -16.32 -35.54
CA LYS C 46 -7.56 -16.66 -35.97
C LYS C 46 -6.62 -15.46 -36.01
N GLU C 47 -7.14 -14.24 -35.86
CA GLU C 47 -6.33 -13.03 -35.89
C GLU C 47 -6.06 -12.48 -34.48
N ASP C 48 -6.29 -13.29 -33.46
CA ASP C 48 -6.09 -12.87 -32.07
C ASP C 48 -4.92 -13.63 -31.47
N PRO C 49 -3.73 -13.02 -31.34
CA PRO C 49 -2.62 -13.74 -30.70
C PRO C 49 -2.89 -14.16 -29.27
N LEU C 50 -3.66 -13.38 -28.52
CA LEU C 50 -4.03 -13.79 -27.16
C LEU C 50 -4.88 -15.06 -27.17
N LEU C 51 -5.85 -15.13 -28.09
CA LEU C 51 -6.68 -16.32 -28.18
C LEU C 51 -5.90 -17.50 -28.73
N THR C 52 -5.14 -17.29 -29.80
CA THR C 52 -4.31 -18.33 -30.39
C THR C 52 -2.85 -17.88 -30.33
N PRO C 53 -2.05 -18.46 -29.45
CA PRO C 53 -0.67 -18.00 -29.29
C PRO C 53 0.13 -18.12 -30.58
N VAL C 54 0.96 -17.12 -30.84
CA VAL C 54 1.80 -17.07 -32.04
C VAL C 54 3.11 -17.80 -31.75
N PRO C 55 3.76 -18.40 -32.73
CA PRO C 55 5.08 -18.99 -32.49
C PRO C 55 6.09 -17.93 -32.07
N ALA C 56 7.06 -18.34 -31.27
CA ALA C 56 8.05 -17.40 -30.74
C ALA C 56 8.89 -16.79 -31.85
N SER C 57 8.95 -17.42 -33.02
CA SER C 57 9.73 -16.87 -34.12
C SER C 57 9.17 -15.52 -34.58
N GLU C 58 7.85 -15.39 -34.66
CA GLU C 58 7.23 -14.12 -35.02
C GLU C 58 6.91 -13.25 -33.81
N ASN C 59 7.05 -13.78 -32.60
CA ASN C 59 6.75 -13.00 -31.40
C ASN C 59 7.90 -12.04 -31.11
N PRO C 60 7.65 -10.73 -31.02
CA PRO C 60 8.71 -9.79 -30.67
C PRO C 60 9.00 -9.70 -29.18
N PHE C 61 8.31 -10.50 -28.36
CA PHE C 61 8.50 -10.50 -26.91
C PHE C 61 9.26 -11.73 -26.43
N ARG C 62 10.28 -12.15 -27.17
CA ARG C 62 11.07 -13.33 -26.82
C ARG C 62 11.69 -13.20 -25.43
N GLN D 3 -31.95 -1.03 -12.56
CA GLN D 3 -31.62 0.31 -12.06
C GLN D 3 -31.86 0.39 -10.56
N VAL D 4 -30.90 0.99 -9.85
CA VAL D 4 -31.00 1.13 -8.40
C VAL D 4 -32.04 2.20 -8.07
N GLN D 5 -33.00 1.84 -7.23
CA GLN D 5 -34.04 2.78 -6.82
C GLN D 5 -34.56 2.38 -5.45
N LEU D 6 -34.90 3.39 -4.65
CA LEU D 6 -35.44 3.19 -3.31
C LEU D 6 -36.75 3.97 -3.20
N GLN D 7 -37.78 3.32 -2.66
CA GLN D 7 -39.10 3.93 -2.52
C GLN D 7 -39.41 4.08 -1.04
N GLU D 8 -39.66 5.32 -0.61
CA GLU D 8 -39.94 5.60 0.79
C GLU D 8 -41.43 5.85 1.00
N SER D 9 -41.91 5.44 2.18
CA SER D 9 -43.30 5.62 2.56
C SER D 9 -43.37 5.92 4.05
N GLY D 10 -44.40 6.67 4.44
CA GLY D 10 -44.56 7.09 5.82
C GLY D 10 -44.13 8.53 6.03
N GLY D 11 -44.97 9.31 6.69
CA GLY D 11 -44.66 10.72 6.92
C GLY D 11 -45.94 11.51 7.17
N GLY D 12 -45.90 12.78 6.80
CA GLY D 12 -47.03 13.67 6.99
C GLY D 12 -47.05 14.29 8.37
N LEU D 13 -48.13 15.03 8.62
CA LEU D 13 -48.31 15.71 9.90
C LEU D 13 -48.46 14.68 11.02
N VAL D 14 -47.67 14.85 12.09
CA VAL D 14 -47.73 13.98 13.25
C VAL D 14 -47.70 14.85 14.50
N GLN D 15 -48.57 14.54 15.47
CA GLN D 15 -48.59 15.29 16.71
C GLN D 15 -47.31 15.04 17.50
N PRO D 16 -46.83 16.05 18.24
CA PRO D 16 -45.61 15.85 19.04
C PRO D 16 -45.81 14.79 20.11
N GLY D 17 -44.76 14.03 20.36
CA GLY D 17 -44.79 12.95 21.32
C GLY D 17 -45.42 11.66 20.83
N GLY D 18 -45.79 11.59 19.56
CA GLY D 18 -46.41 10.40 19.00
C GLY D 18 -45.39 9.42 18.47
N SER D 19 -45.89 8.52 17.61
CA SER D 19 -45.06 7.48 17.00
C SER D 19 -45.31 7.44 15.50
N LEU D 20 -44.29 7.03 14.76
CA LEU D 20 -44.37 6.95 13.31
C LEU D 20 -43.43 5.86 12.82
N ARG D 21 -43.70 5.36 11.61
CA ARG D 21 -42.89 4.31 11.01
C ARG D 21 -42.58 4.70 9.56
N LEU D 22 -41.31 4.64 9.20
CA LEU D 22 -40.86 4.91 7.84
C LEU D 22 -40.43 3.59 7.20
N SER D 23 -40.94 3.33 6.00
CA SER D 23 -40.64 2.09 5.29
C SER D 23 -39.89 2.43 4.00
N CYS D 24 -38.87 1.62 3.69
CA CYS D 24 -38.09 1.77 2.48
C CYS D 24 -38.06 0.45 1.73
N ALA D 25 -38.48 0.48 0.46
CA ALA D 25 -38.47 -0.67 -0.42
C ALA D 25 -37.31 -0.53 -1.40
N ALA D 26 -36.50 -1.57 -1.51
CA ALA D 26 -35.30 -1.56 -2.33
C ALA D 26 -35.45 -2.56 -3.47
N SER D 27 -34.96 -2.19 -4.65
CA SER D 27 -35.00 -3.07 -5.81
C SER D 27 -33.82 -2.76 -6.72
N GLY D 28 -33.48 -3.72 -7.56
CA GLY D 28 -32.39 -3.56 -8.51
C GLY D 28 -31.02 -3.94 -8.00
N PHE D 29 -30.90 -4.36 -6.75
CA PHE D 29 -29.62 -4.74 -6.18
C PHE D 29 -29.83 -5.72 -5.04
N THR D 30 -28.74 -6.37 -4.64
CA THR D 30 -28.77 -7.30 -3.52
C THR D 30 -28.85 -6.51 -2.22
N PHE D 31 -30.00 -6.58 -1.55
CA PHE D 31 -30.19 -5.80 -0.32
C PHE D 31 -29.28 -6.29 0.79
N SER D 32 -28.97 -7.59 0.82
CA SER D 32 -28.23 -8.18 1.91
C SER D 32 -26.73 -7.85 1.88
N ASN D 33 -26.22 -7.30 0.79
CA ASN D 33 -24.79 -7.06 0.65
C ASN D 33 -24.38 -5.60 0.83
N TYR D 34 -25.29 -4.74 1.28
CA TYR D 34 -24.99 -3.32 1.42
C TYR D 34 -25.47 -2.80 2.77
N LYS D 35 -24.68 -1.88 3.32
CA LYS D 35 -25.07 -1.19 4.54
C LYS D 35 -26.11 -0.12 4.23
N MET D 36 -27.05 0.07 5.15
CA MET D 36 -28.15 1.01 4.95
C MET D 36 -28.08 2.15 5.96
N ASN D 37 -28.31 3.36 5.49
CA ASN D 37 -28.27 4.55 6.32
C ASN D 37 -29.54 5.37 6.11
N TRP D 38 -29.87 6.18 7.11
CA TRP D 38 -30.96 7.16 7.03
C TRP D 38 -30.40 8.55 7.12
N VAL D 39 -30.77 9.42 6.16
CA VAL D 39 -30.27 10.78 6.11
C VAL D 39 -31.47 11.73 6.03
N ARG D 40 -31.51 12.70 6.95
CA ARG D 40 -32.59 13.68 6.97
C ARG D 40 -32.07 15.05 6.58
N GLN D 41 -32.92 15.82 5.90
CA GLN D 41 -32.63 17.18 5.49
C GLN D 41 -33.73 18.08 6.07
N ALA D 42 -33.35 18.88 7.06
CA ALA D 42 -34.30 19.82 7.64
C ALA D 42 -34.41 21.06 6.76
N PRO D 43 -35.57 21.72 6.76
CA PRO D 43 -35.70 22.97 6.00
C PRO D 43 -34.69 24.01 6.48
N GLY D 44 -34.06 24.68 5.52
CA GLY D 44 -33.05 25.67 5.83
C GLY D 44 -31.72 25.11 6.26
N LYS D 45 -31.53 23.79 6.19
CA LYS D 45 -30.29 23.15 6.61
C LYS D 45 -29.89 22.12 5.55
N GLY D 46 -28.72 21.51 5.76
CA GLY D 46 -28.19 20.52 4.85
C GLY D 46 -28.45 19.09 5.32
N LEU D 47 -28.01 18.16 4.47
CA LEU D 47 -28.16 16.74 4.78
C LEU D 47 -27.29 16.35 5.97
N GLU D 48 -27.85 15.55 6.86
CA GLU D 48 -27.14 15.06 8.05
C GLU D 48 -27.44 13.59 8.26
N TRP D 49 -26.42 12.84 8.67
CA TRP D 49 -26.57 11.42 8.95
C TRP D 49 -27.35 11.21 10.25
N VAL D 50 -28.22 10.21 10.24
CA VAL D 50 -29.08 9.90 11.39
C VAL D 50 -28.69 8.57 12.02
N SER D 51 -28.80 7.48 11.28
CA SER D 51 -28.52 6.16 11.81
C SER D 51 -28.10 5.24 10.66
N ASP D 52 -27.50 4.12 11.03
CA ASP D 52 -27.09 3.14 10.03
C ASP D 52 -27.11 1.75 10.63
N ILE D 53 -27.33 0.76 9.75
CA ILE D 53 -27.35 -0.65 10.10
C ILE D 53 -26.58 -1.41 9.02
N SER D 54 -25.80 -2.40 9.44
CA SER D 54 -24.93 -3.13 8.52
C SER D 54 -25.72 -4.17 7.76
N GLN D 55 -24.97 -5.03 7.04
CA GLN D 55 -25.61 -6.05 6.20
C GLN D 55 -26.39 -7.04 7.04
N SER D 56 -25.78 -7.59 8.07
CA SER D 56 -26.40 -8.60 8.91
C SER D 56 -27.08 -8.02 10.15
N GLY D 57 -27.01 -6.69 10.34
CA GLY D 57 -27.62 -6.07 11.49
C GLY D 57 -26.85 -6.20 12.78
N ALA D 58 -25.64 -6.76 12.75
CA ALA D 58 -24.85 -6.91 13.97
C ALA D 58 -24.47 -5.56 14.54
N SER D 59 -24.06 -4.62 13.69
CA SER D 59 -23.67 -3.28 14.13
C SER D 59 -24.76 -2.29 13.75
N ILE D 60 -25.30 -1.60 14.75
CA ILE D 60 -26.34 -0.60 14.57
C ILE D 60 -25.90 0.67 15.30
N SER D 61 -25.90 1.80 14.59
CA SER D 61 -25.45 3.04 15.20
C SER D 61 -26.46 4.15 14.93
N TYR D 62 -26.54 5.09 15.88
CA TYR D 62 -27.42 6.24 15.77
C TYR D 62 -26.60 7.50 16.04
N THR D 63 -27.16 8.64 15.63
CA THR D 63 -26.53 9.91 15.94
C THR D 63 -26.91 10.35 17.35
N GLY D 64 -26.23 11.41 17.82
CA GLY D 64 -26.46 11.88 19.17
C GLY D 64 -27.86 12.43 19.37
N SER D 65 -28.42 13.06 18.34
CA SER D 65 -29.74 13.68 18.46
C SER D 65 -30.86 12.66 18.57
N VAL D 66 -30.70 11.47 18.01
CA VAL D 66 -31.76 10.46 17.99
C VAL D 66 -31.41 9.21 18.78
N LYS D 67 -30.25 9.18 19.44
CA LYS D 67 -29.85 8.00 20.20
C LYS D 67 -30.86 7.74 21.32
N GLY D 68 -31.29 6.49 21.44
CA GLY D 68 -32.27 6.11 22.43
C GLY D 68 -33.70 6.43 22.08
N ARG D 69 -33.95 6.96 20.88
CA ARG D 69 -35.29 7.35 20.47
C ARG D 69 -35.78 6.62 19.22
N PHE D 70 -34.91 6.42 18.24
CA PHE D 70 -35.29 5.77 16.99
C PHE D 70 -34.77 4.33 16.97
N THR D 71 -35.47 3.48 16.22
CA THR D 71 -35.08 2.09 16.03
C THR D 71 -35.00 1.80 14.54
N ILE D 72 -33.91 1.16 14.11
CA ILE D 72 -33.68 0.85 12.71
C ILE D 72 -33.56 -0.66 12.56
N SER D 73 -34.29 -1.23 11.60
CA SER D 73 -34.25 -2.66 11.35
C SER D 73 -34.33 -2.90 9.85
N ARG D 74 -33.94 -4.11 9.44
CA ARG D 74 -33.98 -4.49 8.03
C ARG D 74 -34.49 -5.92 7.89
N ASP D 75 -35.15 -6.17 6.76
CA ASP D 75 -35.66 -7.49 6.41
C ASP D 75 -35.08 -7.83 5.04
N ASN D 76 -34.12 -8.77 5.03
CA ASN D 76 -33.45 -9.14 3.79
C ASN D 76 -34.37 -9.93 2.87
N ALA D 77 -35.26 -10.75 3.45
CA ALA D 77 -36.19 -11.52 2.62
C ALA D 77 -37.14 -10.61 1.86
N LYS D 78 -37.66 -9.59 2.52
CA LYS D 78 -38.54 -8.62 1.89
C LYS D 78 -37.79 -7.41 1.34
N ASN D 79 -36.49 -7.31 1.62
CA ASN D 79 -35.66 -6.18 1.19
C ASN D 79 -36.26 -4.86 1.67
N THR D 80 -36.74 -4.83 2.91
CA THR D 80 -37.46 -3.69 3.44
C THR D 80 -36.74 -3.12 4.66
N LEU D 81 -36.55 -1.81 4.67
CA LEU D 81 -35.90 -1.12 5.77
C LEU D 81 -36.94 -0.38 6.59
N TYR D 82 -36.95 -0.61 7.91
CA TYR D 82 -37.93 -0.05 8.81
C TYR D 82 -37.24 0.92 9.78
N LEU D 83 -37.86 2.09 9.96
CA LEU D 83 -37.38 3.09 10.91
C LEU D 83 -38.56 3.49 11.80
N GLN D 84 -38.57 2.99 13.03
CA GLN D 84 -39.62 3.31 13.99
C GLN D 84 -39.17 4.46 14.86
N MET D 85 -39.90 5.58 14.81
CA MET D 85 -39.58 6.77 15.56
C MET D 85 -40.64 6.99 16.63
N ASN D 86 -40.22 7.19 17.88
CA ASN D 86 -41.11 7.44 18.98
C ASN D 86 -40.63 8.66 19.76
N SER D 87 -41.58 9.32 20.43
CA SER D 87 -41.32 10.55 21.18
C SER D 87 -40.69 11.61 20.27
N LEU D 88 -41.43 11.95 19.22
CA LEU D 88 -40.96 12.92 18.24
C LEU D 88 -40.92 14.32 18.83
N LYS D 89 -40.15 15.18 18.18
CA LYS D 89 -39.94 16.56 18.59
C LYS D 89 -40.25 17.48 17.43
N PRO D 90 -40.64 18.74 17.71
CA PRO D 90 -40.90 19.68 16.61
C PRO D 90 -39.70 19.93 15.73
N GLU D 91 -38.49 19.80 16.27
CA GLU D 91 -37.28 20.01 15.48
C GLU D 91 -36.97 18.83 14.55
N ASP D 92 -37.70 17.73 14.66
CA ASP D 92 -37.42 16.53 13.88
C ASP D 92 -38.04 16.57 12.48
N THR D 93 -38.80 17.62 12.15
CA THR D 93 -39.39 17.70 10.82
C THR D 93 -38.30 17.85 9.77
N ALA D 94 -38.37 17.01 8.72
CA ALA D 94 -37.34 16.97 7.70
C ALA D 94 -37.78 16.02 6.60
N VAL D 95 -37.04 16.05 5.49
CA VAL D 95 -37.22 15.09 4.41
C VAL D 95 -36.24 13.95 4.66
N TYR D 96 -36.75 12.73 4.76
CA TYR D 96 -35.94 11.56 5.08
C TYR D 96 -35.68 10.74 3.83
N TYR D 97 -34.42 10.34 3.65
CA TYR D 97 -33.99 9.50 2.54
C TYR D 97 -33.21 8.30 3.07
N CYS D 98 -33.21 7.23 2.29
CA CYS D 98 -32.44 6.03 2.58
C CYS D 98 -31.24 6.00 1.66
N ALA D 99 -30.06 5.71 2.23
CA ALA D 99 -28.81 5.70 1.50
C ALA D 99 -28.17 4.33 1.56
N ARG D 100 -27.54 3.95 0.45
CA ARG D 100 -26.88 2.66 0.29
C ARG D 100 -25.37 2.86 0.19
N CYS D 101 -24.63 1.91 0.76
CA CYS D 101 -23.17 1.96 0.67
C CYS D 101 -22.75 1.87 -0.80
N PRO D 102 -21.82 2.71 -1.25
CA PRO D 102 -21.44 2.69 -2.67
C PRO D 102 -20.87 1.37 -3.15
N ALA D 103 -20.20 0.62 -2.29
CA ALA D 103 -19.59 -0.63 -2.69
C ALA D 103 -20.02 -1.75 -1.75
N PRO D 104 -20.16 -2.97 -2.27
CA PRO D 104 -20.52 -4.10 -1.41
C PRO D 104 -19.37 -4.52 -0.51
N PHE D 105 -19.75 -5.13 0.62
CA PHE D 105 -18.80 -5.60 1.61
C PHE D 105 -17.88 -4.47 2.09
N THR D 106 -18.47 -3.29 2.26
CA THR D 106 -17.74 -2.10 2.68
C THR D 106 -18.37 -1.52 3.92
N ARG D 107 -17.52 -1.12 4.88
CA ARG D 107 -17.99 -0.62 6.17
C ARG D 107 -18.11 0.90 6.21
N ASP D 108 -17.27 1.63 5.48
CA ASP D 108 -17.27 3.08 5.52
C ASP D 108 -18.19 3.62 4.43
N CYS D 109 -19.24 4.35 4.85
CA CYS D 109 -20.13 5.04 3.93
C CYS D 109 -19.51 6.41 3.65
N PHE D 110 -18.74 6.48 2.57
CA PHE D 110 -17.88 7.64 2.34
C PHE D 110 -18.68 8.90 2.06
N ASP D 111 -19.63 8.83 1.12
CA ASP D 111 -20.33 10.01 0.67
C ASP D 111 -21.83 9.74 0.49
N VAL D 112 -22.43 9.05 1.46
CA VAL D 112 -23.86 8.79 1.40
C VAL D 112 -24.67 10.05 1.71
N THR D 113 -24.03 11.08 2.25
CA THR D 113 -24.70 12.33 2.59
C THR D 113 -24.44 13.44 1.58
N SER D 114 -23.97 13.09 0.39
CA SER D 114 -23.69 14.08 -0.63
C SER D 114 -24.98 14.72 -1.14
N THR D 115 -24.84 15.94 -1.66
CA THR D 115 -26.00 16.68 -2.14
C THR D 115 -26.68 15.98 -3.32
N THR D 116 -25.89 15.40 -4.21
CA THR D 116 -26.39 14.74 -5.42
C THR D 116 -25.98 13.28 -5.43
N TYR D 117 -26.11 12.62 -4.28
CA TYR D 117 -25.79 11.21 -4.19
C TYR D 117 -26.82 10.38 -4.96
N ALA D 118 -26.33 9.52 -5.86
CA ALA D 118 -27.22 8.80 -6.76
C ALA D 118 -27.96 7.67 -6.03
N TYR D 119 -27.27 6.99 -5.12
CA TYR D 119 -27.82 5.78 -4.49
C TYR D 119 -28.68 6.15 -3.28
N ARG D 120 -29.71 6.94 -3.52
CA ARG D 120 -30.66 7.29 -2.48
C ARG D 120 -32.05 7.44 -3.09
N GLY D 121 -33.06 7.28 -2.24
CA GLY D 121 -34.43 7.42 -2.68
C GLY D 121 -34.89 8.87 -2.68
N GLN D 122 -36.15 9.06 -3.07
CA GLN D 122 -36.72 10.39 -3.12
C GLN D 122 -37.05 10.93 -1.73
N GLY D 123 -37.24 10.06 -0.75
CA GLY D 123 -37.51 10.49 0.61
C GLY D 123 -38.96 10.87 0.83
N THR D 124 -39.30 11.07 2.10
CA THR D 124 -40.64 11.44 2.52
C THR D 124 -40.56 12.56 3.54
N GLN D 125 -41.55 13.45 3.53
CA GLN D 125 -41.60 14.53 4.51
C GLN D 125 -42.18 14.03 5.82
N VAL D 126 -41.51 14.37 6.93
CA VAL D 126 -41.99 14.08 8.27
C VAL D 126 -42.06 15.40 9.01
N THR D 127 -43.28 15.88 9.25
CA THR D 127 -43.52 17.16 9.91
C THR D 127 -44.21 16.93 11.24
N VAL D 128 -43.59 17.41 12.31
CA VAL D 128 -44.11 17.26 13.67
C VAL D 128 -44.67 18.61 14.08
N SER D 129 -46.00 18.75 14.02
CA SER D 129 -46.67 20.00 14.37
C SER D 129 -47.87 19.70 15.24
N SER D 130 -48.25 20.67 16.06
CA SER D 130 -49.39 20.58 16.95
C SER D 130 -50.50 21.50 16.45
N HIS D 131 -51.70 20.95 16.32
CA HIS D 131 -52.84 21.73 15.84
C HIS D 131 -54.00 21.67 16.83
N ARG E 1 36.42 -11.03 27.12
CA ARG E 1 37.05 -12.33 26.86
C ARG E 1 36.31 -13.09 25.76
N VAL E 2 36.99 -13.32 24.64
CA VAL E 2 36.41 -14.08 23.54
C VAL E 2 36.52 -15.56 23.88
N ALA E 3 35.37 -16.26 23.87
CA ALA E 3 35.36 -17.67 24.26
C ALA E 3 36.14 -18.53 23.27
N GLU E 4 35.98 -18.27 21.97
CA GLU E 4 36.61 -19.12 20.96
C GLU E 4 38.13 -19.01 21.02
N ILE E 5 38.65 -17.79 21.09
CA ILE E 5 40.10 -17.59 21.13
C ILE E 5 40.68 -18.14 22.41
N GLN E 6 40.00 -17.93 23.54
CA GLN E 6 40.46 -18.48 24.81
C GLN E 6 40.51 -19.99 24.76
N LEU E 7 39.46 -20.61 24.21
CA LEU E 7 39.44 -22.06 24.11
C LEU E 7 40.55 -22.58 23.21
N MET E 8 40.80 -21.89 22.10
CA MET E 8 41.87 -22.31 21.20
C MET E 8 43.23 -22.22 21.89
N HIS E 9 43.49 -21.12 22.60
CA HIS E 9 44.75 -20.99 23.31
C HIS E 9 44.89 -22.04 24.41
N GLN E 10 43.82 -22.29 25.15
CA GLN E 10 43.86 -23.30 26.21
C GLN E 10 44.13 -24.69 25.63
N ARG E 11 43.51 -25.00 24.49
CA ARG E 11 43.73 -26.30 23.88
C ARG E 11 45.15 -26.44 23.33
N ALA E 12 45.70 -25.36 22.77
CA ALA E 12 47.09 -25.42 22.32
C ALA E 12 48.04 -25.64 23.49
N LYS E 13 47.82 -24.90 24.59
CA LYS E 13 48.64 -25.08 25.79
C LYS E 13 48.49 -26.50 26.34
N TRP E 14 47.26 -27.03 26.32
CA TRP E 14 47.04 -28.40 26.78
C TRP E 14 47.76 -29.40 25.90
N ILE E 15 47.77 -29.19 24.58
CA ILE E 15 48.48 -30.11 23.69
C ILE E 15 49.96 -30.09 23.98
N GLN E 16 50.54 -28.90 24.17
CA GLN E 16 51.97 -28.81 24.49
C GLN E 16 52.27 -29.49 25.82
N ASP E 17 51.44 -29.24 26.84
CA ASP E 17 51.65 -29.83 28.14
C ASP E 17 51.49 -31.35 28.09
N ALA E 18 50.54 -31.84 27.30
CA ALA E 18 50.33 -33.28 27.17
C ALA E 18 51.52 -33.93 26.47
N ARG E 19 52.08 -33.27 25.45
CA ARG E 19 53.28 -33.80 24.81
C ARG E 19 54.44 -33.87 25.80
N ARG E 20 54.64 -32.80 26.58
CA ARG E 20 55.72 -32.79 27.55
C ARG E 20 55.54 -33.88 28.60
N ARG E 21 54.30 -34.05 29.09
CA ARG E 21 54.03 -35.06 30.10
C ARG E 21 54.17 -36.47 29.53
N ALA E 22 53.79 -36.66 28.27
CA ALA E 22 53.98 -37.96 27.63
C ALA E 22 55.46 -38.30 27.51
N PHE E 23 56.28 -37.32 27.11
CA PHE E 23 57.72 -37.57 27.06
C PHE E 23 58.28 -37.86 28.45
N LEU E 24 57.83 -37.12 29.46
CA LEU E 24 58.32 -37.34 30.82
C LEU E 24 57.93 -38.72 31.32
N HIS E 25 56.70 -39.16 31.04
CA HIS E 25 56.25 -40.47 31.46
C HIS E 25 56.98 -41.58 30.72
N LYS E 26 57.27 -41.38 29.43
CA LYS E 26 58.05 -42.37 28.68
C LYS E 26 59.46 -42.48 29.24
N LEU E 27 60.06 -41.34 29.61
CA LEU E 27 61.43 -41.38 30.13
C LEU E 27 61.50 -41.95 31.54
N ILE E 28 60.54 -41.60 32.42
CA ILE E 28 60.58 -42.08 33.79
C ILE E 28 60.32 -43.58 33.84
N ALA E 29 59.65 -44.11 32.83
CA ALA E 29 59.43 -45.56 32.77
C ALA E 29 60.75 -46.31 32.65
N GLU E 30 61.66 -45.80 31.81
CA GLU E 30 62.98 -46.41 31.70
C GLU E 30 63.84 -46.06 32.91
N ILE E 31 63.80 -44.80 33.35
CA ILE E 31 64.64 -44.38 34.47
C ILE E 31 64.16 -45.01 35.77
N HIS E 32 62.86 -45.00 36.01
CA HIS E 32 62.31 -45.55 37.25
C HIS E 32 61.43 -46.76 36.96
N VAL F 5 57.37 -26.28 29.53
CA VAL F 5 56.21 -25.91 28.73
C VAL F 5 56.08 -26.85 27.53
N MET F 6 56.75 -26.50 26.44
CA MET F 6 56.76 -27.32 25.24
C MET F 6 57.78 -28.45 25.36
N THR F 7 58.05 -29.15 24.28
CA THR F 7 58.95 -30.30 24.28
C THR F 7 60.42 -29.88 24.20
N LYS F 8 60.72 -28.65 24.64
CA LYS F 8 62.10 -28.19 24.75
C LYS F 8 62.71 -28.53 26.11
N GLU F 9 61.94 -29.19 26.98
CA GLU F 9 62.48 -29.68 28.24
C GLU F 9 63.59 -30.69 28.01
N GLU F 10 63.64 -31.31 26.82
CA GLU F 10 64.69 -32.27 26.46
C GLU F 10 66.07 -31.66 26.64
N GLN F 11 66.30 -30.48 26.07
CA GLN F 11 67.62 -29.86 26.11
C GLN F 11 68.12 -29.70 27.54
N ILE F 12 67.40 -28.90 28.34
CA ILE F 12 67.83 -28.56 29.69
C ILE F 12 67.89 -29.82 30.56
N PHE F 13 66.86 -30.66 30.47
CA PHE F 13 66.81 -31.84 31.32
C PHE F 13 67.95 -32.80 31.03
N LEU F 14 68.21 -33.10 29.74
CA LEU F 14 69.30 -34.01 29.41
C LEU F 14 70.66 -33.40 29.71
N LEU F 15 70.84 -32.10 29.49
CA LEU F 15 72.11 -31.48 29.84
C LEU F 15 72.37 -31.56 31.34
N HIS F 16 71.36 -31.25 32.16
CA HIS F 16 71.51 -31.35 33.60
C HIS F 16 71.77 -32.78 34.06
N ARG F 17 71.05 -33.76 33.50
CA ARG F 17 71.24 -35.14 33.90
C ARG F 17 72.57 -35.71 33.44
N ALA F 18 73.10 -35.28 32.28
CA ALA F 18 74.41 -35.73 31.84
C ALA F 18 75.53 -35.06 32.62
N GLN F 19 75.35 -33.80 33.02
CA GLN F 19 76.32 -33.18 33.91
C GLN F 19 76.31 -33.80 35.29
N ALA F 20 75.14 -34.23 35.77
CA ALA F 20 75.02 -34.89 37.06
C ALA F 20 75.16 -36.41 36.95
N GLN F 21 75.33 -36.94 35.75
CA GLN F 21 75.47 -38.39 35.56
C GLN F 21 76.78 -38.90 36.16
N THR F 152 43.03 -37.18 31.64
CA THR F 152 42.14 -37.70 30.62
C THR F 152 40.80 -36.96 30.63
N ARG F 153 40.48 -36.36 31.77
CA ARG F 153 39.24 -35.60 31.88
C ARG F 153 39.29 -34.35 31.02
N GLU F 154 40.45 -33.70 30.94
CA GLU F 154 40.57 -32.46 30.16
C GLU F 154 40.28 -32.71 28.69
N ARG F 155 40.86 -33.77 28.12
CA ARG F 155 40.60 -34.06 26.70
C ARG F 155 39.17 -34.51 26.48
N GLU F 156 38.56 -35.20 27.45
CA GLU F 156 37.16 -35.56 27.32
C GLU F 156 36.27 -34.33 27.29
N VAL F 157 36.54 -33.36 28.16
CA VAL F 157 35.78 -32.11 28.16
C VAL F 157 35.99 -31.36 26.85
N PHE F 158 37.24 -31.31 26.37
CA PHE F 158 37.52 -30.64 25.10
C PHE F 158 36.76 -31.30 23.95
N ASP F 159 36.75 -32.63 23.91
CA ASP F 159 36.04 -33.34 22.85
C ASP F 159 34.53 -33.11 22.94
N ARG F 160 33.99 -33.09 24.16
CA ARG F 160 32.55 -32.84 24.32
C ARG F 160 32.19 -31.43 23.83
N LEU F 161 33.00 -30.45 24.21
CA LEU F 161 32.76 -29.08 23.73
C LEU F 161 32.89 -29.00 22.22
N GLY F 162 33.89 -29.66 21.65
CA GLY F 162 34.04 -29.67 20.21
C GLY F 162 32.84 -30.27 19.51
N MET F 163 32.36 -31.41 20.02
CA MET F 163 31.20 -32.06 19.43
C MET F 163 29.97 -31.16 19.49
N ILE F 164 29.70 -30.57 20.67
CA ILE F 164 28.47 -29.79 20.80
C ILE F 164 28.54 -28.54 19.92
N TYR F 165 29.67 -27.85 19.89
CA TYR F 165 29.72 -26.65 19.06
C TYR F 165 29.76 -27.00 17.58
N THR F 166 30.35 -28.14 17.21
CA THR F 166 30.30 -28.56 15.81
C THR F 166 28.88 -28.84 15.37
N VAL F 167 28.11 -29.54 16.20
CA VAL F 167 26.71 -29.82 15.86
C VAL F 167 25.92 -28.52 15.75
N GLY F 168 26.09 -27.64 16.73
CA GLY F 168 25.36 -26.38 16.71
C GLY F 168 25.70 -25.52 15.50
N TYR F 169 27.00 -25.44 15.17
CA TYR F 169 27.40 -24.63 14.03
C TYR F 169 26.97 -25.26 12.72
N SER F 170 26.93 -26.59 12.64
CA SER F 170 26.43 -27.24 11.42
C SER F 170 24.94 -26.94 11.22
N VAL F 171 24.16 -27.04 12.29
CA VAL F 171 22.73 -26.73 12.19
C VAL F 171 22.53 -25.26 11.82
N SER F 172 23.31 -24.37 12.44
CA SER F 172 23.21 -22.95 12.12
C SER F 172 23.59 -22.68 10.67
N LEU F 173 24.65 -23.34 10.18
CA LEU F 173 25.07 -23.15 8.80
C LEU F 173 23.99 -23.60 7.83
N ALA F 174 23.37 -24.75 8.08
CA ALA F 174 22.29 -25.21 7.22
C ALA F 174 21.12 -24.24 7.23
N SER F 175 20.69 -23.81 8.42
CA SER F 175 19.57 -22.88 8.50
C SER F 175 19.89 -21.56 7.82
N LEU F 176 21.12 -21.07 7.98
CA LEU F 176 21.48 -19.77 7.42
C LEU F 176 21.63 -19.83 5.91
N THR F 177 22.15 -20.94 5.37
CA THR F 177 22.22 -21.04 3.92
C THR F 177 20.83 -21.19 3.31
N VAL F 178 19.92 -21.89 4.01
CA VAL F 178 18.54 -21.94 3.55
C VAL F 178 17.92 -20.54 3.57
N ALA F 179 18.18 -19.77 4.64
CA ALA F 179 17.65 -18.41 4.74
C ALA F 179 18.21 -17.52 3.64
N VAL F 180 19.51 -17.66 3.34
CA VAL F 180 20.14 -16.87 2.28
C VAL F 180 19.50 -17.19 0.94
N LEU F 181 19.31 -18.48 0.65
CA LEU F 181 18.67 -18.86 -0.60
C LEU F 181 17.25 -18.30 -0.69
N ILE F 182 16.50 -18.38 0.41
CA ILE F 182 15.13 -17.87 0.40
C ILE F 182 15.11 -16.37 0.16
N LEU F 183 15.98 -15.64 0.85
CA LEU F 183 16.02 -14.18 0.70
C LEU F 183 16.43 -13.79 -0.72
N ALA F 184 17.41 -14.49 -1.29
CA ALA F 184 17.85 -14.16 -2.64
C ALA F 184 16.86 -14.60 -3.70
N TYR F 185 15.97 -15.55 -3.38
CA TYR F 185 15.01 -16.03 -4.36
C TYR F 185 13.99 -14.95 -4.73
N PHE F 186 13.42 -14.29 -3.72
CA PHE F 186 12.33 -13.35 -3.94
C PHE F 186 12.87 -11.93 -4.03
N ARG F 187 12.51 -11.22 -5.12
CA ARG F 187 12.96 -9.85 -5.30
C ARG F 187 12.19 -8.85 -4.44
N ARG F 188 10.99 -9.22 -3.98
CA ARG F 188 10.26 -8.32 -3.07
C ARG F 188 11.01 -8.14 -1.76
N LEU F 189 11.63 -9.21 -1.25
CA LEU F 189 12.38 -9.14 -0.01
C LEU F 189 13.63 -8.29 -0.12
N HIS F 190 14.07 -7.96 -1.34
CA HIS F 190 15.28 -7.15 -1.51
C HIS F 190 15.10 -5.76 -0.91
N CYS F 191 15.83 -5.49 0.17
CA CYS F 191 15.75 -4.21 0.86
C CYS F 191 17.04 -4.03 1.67
N THR F 192 17.25 -2.81 2.14
CA THR F 192 18.44 -2.52 2.93
C THR F 192 18.47 -3.33 4.21
N ARG F 193 17.33 -3.45 4.88
CA ARG F 193 17.25 -4.30 6.07
C ARG F 193 17.57 -5.74 5.74
N ASN F 194 16.99 -6.27 4.67
CA ASN F 194 17.28 -7.64 4.27
C ASN F 194 18.69 -7.77 3.71
N TYR F 195 19.24 -6.70 3.13
CA TYR F 195 20.64 -6.73 2.71
C TYR F 195 21.57 -6.87 3.91
N ILE F 196 21.29 -6.12 4.98
CA ILE F 196 22.07 -6.25 6.21
C ILE F 196 21.91 -7.64 6.81
N HIS F 197 20.68 -8.16 6.79
CA HIS F 197 20.44 -9.51 7.29
C HIS F 197 21.21 -10.55 6.48
N MET F 198 21.24 -10.39 5.15
CA MET F 198 22.00 -11.30 4.30
C MET F 198 23.49 -11.22 4.60
N HIS F 199 24.01 -10.02 4.80
CA HIS F 199 25.42 -9.87 5.17
C HIS F 199 25.73 -10.54 6.50
N LEU F 200 24.82 -10.38 7.48
CA LEU F 200 25.01 -11.03 8.77
C LEU F 200 24.99 -12.55 8.63
N PHE F 201 24.07 -13.07 7.82
CA PHE F 201 24.01 -14.52 7.61
C PHE F 201 25.27 -15.02 6.93
N LEU F 202 25.77 -14.28 5.95
CA LEU F 202 27.01 -14.67 5.29
C LEU F 202 28.19 -14.65 6.26
N SER F 203 28.24 -13.64 7.13
CA SER F 203 29.29 -13.59 8.14
C SER F 203 29.23 -14.79 9.08
N PHE F 204 28.01 -15.16 9.51
CA PHE F 204 27.85 -16.33 10.36
C PHE F 204 28.30 -17.60 9.64
N MET F 205 27.92 -17.74 8.37
CA MET F 205 28.32 -18.93 7.61
C MET F 205 29.83 -19.00 7.44
N LEU F 206 30.47 -17.86 7.15
CA LEU F 206 31.92 -17.84 7.02
C LEU F 206 32.59 -18.16 8.35
N ARG F 207 32.04 -17.66 9.45
CA ARG F 207 32.58 -17.99 10.77
C ARG F 207 32.49 -19.49 11.04
N ALA F 208 31.35 -20.11 10.73
CA ALA F 208 31.20 -21.55 10.94
C ALA F 208 32.17 -22.33 10.06
N VAL F 209 32.32 -21.94 8.79
CA VAL F 209 33.24 -22.63 7.90
C VAL F 209 34.67 -22.50 8.40
N SER F 210 35.05 -21.30 8.84
CA SER F 210 36.40 -21.10 9.37
C SER F 210 36.64 -21.93 10.61
N ILE F 211 35.65 -22.02 11.50
CA ILE F 211 35.80 -22.84 12.70
C ILE F 211 35.98 -24.31 12.31
N PHE F 212 35.19 -24.79 11.35
CA PHE F 212 35.34 -26.18 10.91
C PHE F 212 36.72 -26.43 10.31
N VAL F 213 37.20 -25.50 9.48
CA VAL F 213 38.51 -25.67 8.85
C VAL F 213 39.62 -25.64 9.89
N LYS F 214 39.51 -24.75 10.88
CA LYS F 214 40.51 -24.69 11.94
C LYS F 214 40.51 -25.97 12.76
N ASP F 215 39.32 -26.50 13.07
CA ASP F 215 39.24 -27.76 13.80
C ASP F 215 39.86 -28.90 13.00
N ALA F 216 39.62 -28.93 11.69
CA ALA F 216 40.19 -29.98 10.86
C ALA F 216 41.72 -29.88 10.79
N VAL F 217 42.24 -28.65 10.64
CA VAL F 217 43.68 -28.49 10.45
C VAL F 217 44.43 -28.70 11.75
N LEU F 218 43.96 -28.09 12.84
CA LEU F 218 44.70 -28.16 14.11
C LEU F 218 44.60 -29.54 14.72
N TYR F 219 43.38 -30.02 14.94
CA TYR F 219 43.16 -31.27 15.66
C TYR F 219 43.03 -32.42 14.66
N SER F 220 43.89 -33.42 14.81
CA SER F 220 43.93 -34.58 13.93
C SER F 220 44.09 -34.18 12.46
N ALA F 250 55.72 -27.36 13.96
CA ALA F 250 54.53 -27.45 13.10
C ALA F 250 54.11 -26.08 12.62
N GLY F 251 55.08 -25.29 12.15
CA GLY F 251 54.79 -23.95 11.67
C GLY F 251 54.49 -23.89 10.19
N TYR F 252 53.61 -24.76 9.72
CA TYR F 252 53.23 -24.77 8.32
C TYR F 252 52.40 -23.53 7.98
N ALA F 253 52.60 -23.03 6.75
CA ALA F 253 51.93 -21.78 6.35
C ALA F 253 50.42 -21.94 6.37
N GLY F 254 49.90 -23.06 5.87
CA GLY F 254 48.47 -23.28 5.88
C GLY F 254 47.88 -23.32 7.28
N CYS F 255 48.65 -23.85 8.23
CA CYS F 255 48.19 -23.90 9.61
C CYS F 255 47.97 -22.50 10.18
N ARG F 256 48.91 -21.58 9.91
CA ARG F 256 48.73 -20.20 10.34
C ARG F 256 47.61 -19.51 9.58
N VAL F 257 47.49 -19.82 8.28
CA VAL F 257 46.46 -19.18 7.46
C VAL F 257 45.07 -19.56 7.94
N ALA F 258 44.88 -20.82 8.35
CA ALA F 258 43.58 -21.24 8.86
C ALA F 258 43.20 -20.46 10.12
N VAL F 259 44.15 -20.28 11.04
CA VAL F 259 43.86 -19.54 12.26
C VAL F 259 43.60 -18.07 11.95
N THR F 260 44.36 -17.50 11.01
CA THR F 260 44.14 -16.11 10.62
C THR F 260 42.76 -15.92 10.03
N PHE F 261 42.34 -16.83 9.15
CA PHE F 261 40.99 -16.74 8.58
C PHE F 261 39.92 -16.93 9.64
N PHE F 262 40.14 -17.85 10.59
CA PHE F 262 39.18 -18.03 11.68
C PHE F 262 39.01 -16.75 12.49
N LEU F 263 40.13 -16.12 12.87
CA LEU F 263 40.05 -14.87 13.63
C LEU F 263 39.39 -13.77 12.81
N TYR F 264 39.72 -13.67 11.53
CA TYR F 264 39.13 -12.64 10.68
C TYR F 264 37.63 -12.82 10.56
N PHE F 265 37.18 -14.05 10.35
CA PHE F 265 35.75 -14.30 10.20
C PHE F 265 35.01 -14.10 11.51
N LEU F 266 35.62 -14.46 12.64
CA LEU F 266 35.02 -14.17 13.94
C LEU F 266 34.86 -12.67 14.14
N ALA F 267 35.90 -11.89 13.81
CA ALA F 267 35.81 -10.44 13.93
C ALA F 267 34.74 -9.87 13.01
N THR F 268 34.64 -10.38 11.78
CA THR F 268 33.62 -9.91 10.86
C THR F 268 32.22 -10.23 11.37
N ASN F 269 32.04 -11.41 11.96
CA ASN F 269 30.73 -11.74 12.54
C ASN F 269 30.36 -10.80 13.67
N TYR F 270 31.31 -10.55 14.59
CA TYR F 270 31.02 -9.63 15.68
C TYR F 270 30.71 -8.23 15.16
N TYR F 271 31.50 -7.75 14.20
CA TYR F 271 31.27 -6.40 13.69
C TYR F 271 30.00 -6.32 12.84
N TRP F 272 29.55 -7.43 12.26
CA TRP F 272 28.29 -7.41 11.54
C TRP F 272 27.10 -7.43 12.49
N ILE F 273 27.23 -8.10 13.64
CA ILE F 273 26.23 -7.93 14.68
C ILE F 273 26.18 -6.47 15.14
N LEU F 274 27.36 -5.87 15.31
CA LEU F 274 27.42 -4.45 15.66
C LEU F 274 26.80 -3.58 14.58
N VAL F 275 26.98 -3.95 13.31
CA VAL F 275 26.41 -3.19 12.20
C VAL F 275 24.89 -3.32 12.19
N GLU F 276 24.38 -4.51 12.48
CA GLU F 276 22.93 -4.67 12.63
C GLU F 276 22.39 -3.75 13.71
N GLY F 277 23.06 -3.74 14.88
CA GLY F 277 22.62 -2.86 15.95
C GLY F 277 22.69 -1.39 15.58
N LEU F 278 23.78 -0.99 14.91
CA LEU F 278 23.94 0.40 14.51
C LEU F 278 22.90 0.81 13.48
N TYR F 279 22.59 -0.09 12.54
CA TYR F 279 21.59 0.21 11.52
C TYR F 279 20.21 0.37 12.15
N LEU F 280 19.87 -0.52 13.09
CA LEU F 280 18.59 -0.36 13.79
C LEU F 280 18.55 0.94 14.58
N HIS F 281 19.64 1.27 15.27
CA HIS F 281 19.69 2.50 16.04
C HIS F 281 19.58 3.73 15.14
N SER F 282 20.21 3.68 13.96
CA SER F 282 20.11 4.80 13.03
C SER F 282 18.69 4.92 12.48
N LEU F 283 18.04 3.80 12.19
CA LEU F 283 16.67 3.84 11.71
C LEU F 283 15.74 4.43 12.76
N ILE F 284 15.96 4.10 14.03
CA ILE F 284 15.09 4.61 15.10
C ILE F 284 15.46 6.02 15.54
N PHE F 285 16.69 6.48 15.31
CA PHE F 285 17.12 7.76 15.85
C PHE F 285 17.74 8.69 14.80
N MET F 286 18.41 8.14 13.79
CA MET F 286 19.25 8.94 12.91
C MET F 286 18.77 8.98 11.46
N ALA F 287 18.04 7.96 11.00
CA ALA F 287 17.63 7.88 9.60
C ALA F 287 16.33 8.63 9.32
N PHE F 288 16.03 9.66 10.10
CA PHE F 288 14.81 10.42 9.90
C PHE F 288 14.87 11.20 8.59
N PHE F 289 13.97 10.84 7.66
CA PHE F 289 13.76 11.57 6.42
C PHE F 289 15.05 11.77 5.62
N SER F 290 15.92 10.76 5.60
CA SER F 290 17.20 10.87 4.91
C SER F 290 17.36 9.67 3.98
N GLU F 291 18.45 9.67 3.23
CA GLU F 291 18.74 8.57 2.31
C GLU F 291 19.38 7.41 3.06
N LYS F 292 19.49 6.27 2.38
CA LYS F 292 20.03 5.05 2.97
C LYS F 292 21.38 4.68 2.36
N LYS F 293 22.18 5.68 1.97
CA LYS F 293 23.51 5.43 1.44
C LYS F 293 24.47 4.92 2.50
N TYR F 294 24.19 5.16 3.79
CA TYR F 294 25.07 4.73 4.87
C TYR F 294 25.33 3.23 4.85
N LEU F 295 24.41 2.45 4.27
CA LEU F 295 24.63 1.02 4.13
C LEU F 295 25.98 0.72 3.49
N TRP F 296 26.34 1.48 2.44
CA TRP F 296 27.64 1.30 1.82
C TRP F 296 28.75 1.45 2.85
N GLY F 297 28.71 2.52 3.65
CA GLY F 297 29.68 2.67 4.72
C GLY F 297 29.66 1.50 5.68
N PHE F 298 28.47 1.00 6.00
CA PHE F 298 28.37 -0.17 6.86
C PHE F 298 29.12 -1.35 6.27
N THR F 299 29.08 -1.50 4.94
CA THR F 299 29.85 -2.57 4.30
C THR F 299 31.33 -2.39 4.60
N VAL F 300 31.84 -1.16 4.49
CA VAL F 300 33.22 -0.90 4.86
C VAL F 300 33.45 -1.22 6.33
N PHE F 301 32.46 -0.93 7.17
CA PHE F 301 32.55 -1.29 8.58
C PHE F 301 32.41 -2.80 8.75
N GLY F 302 31.65 -3.45 7.86
CA GLY F 302 31.37 -4.87 8.04
C GLY F 302 32.59 -5.74 7.82
N TRP F 303 33.32 -5.51 6.72
CA TRP F 303 34.45 -6.35 6.34
C TRP F 303 35.78 -5.60 6.39
N GLY F 304 35.80 -4.33 5.98
CA GLY F 304 37.06 -3.61 5.90
C GLY F 304 37.70 -3.40 7.26
N LEU F 305 36.91 -2.96 8.24
CA LEU F 305 37.46 -2.71 9.57
C LEU F 305 37.99 -3.97 10.24
N PRO F 306 37.29 -5.10 10.26
CA PRO F 306 37.89 -6.31 10.84
C PRO F 306 39.16 -6.74 10.14
N ALA F 307 39.27 -6.50 8.84
CA ALA F 307 40.46 -6.92 8.09
C ALA F 307 41.70 -6.13 8.47
N VAL F 308 41.54 -4.96 9.12
CA VAL F 308 42.69 -4.11 9.39
C VAL F 308 43.47 -4.62 10.60
N PHE F 309 42.85 -4.54 11.79
CA PHE F 309 43.59 -4.83 13.02
C PHE F 309 44.02 -6.29 13.10
N VAL F 310 43.31 -7.21 12.44
CA VAL F 310 43.80 -8.58 12.35
C VAL F 310 45.07 -8.63 11.51
N ALA F 311 45.05 -8.01 10.34
CA ALA F 311 46.20 -8.10 9.43
C ALA F 311 47.44 -7.51 10.06
N VAL F 312 47.32 -6.33 10.69
CA VAL F 312 48.42 -5.76 11.44
C VAL F 312 48.91 -6.75 12.49
N TRP F 313 47.99 -7.38 13.21
CA TRP F 313 48.36 -8.42 14.16
C TRP F 313 49.19 -9.50 13.46
N VAL F 314 48.74 -9.94 12.28
CA VAL F 314 49.50 -10.93 11.52
C VAL F 314 50.91 -10.41 11.27
N SER F 315 51.03 -9.15 10.84
CA SER F 315 52.36 -8.57 10.63
C SER F 315 53.17 -8.62 11.92
N VAL F 316 52.54 -8.25 13.04
CA VAL F 316 53.23 -8.36 14.32
C VAL F 316 53.60 -9.81 14.59
N ARG F 317 52.66 -10.73 14.34
CA ARG F 317 52.95 -12.14 14.51
C ARG F 317 54.04 -12.61 13.57
N ALA F 318 54.22 -11.91 12.45
CA ALA F 318 55.27 -12.24 11.51
C ALA F 318 56.59 -11.58 11.85
N THR F 319 56.60 -10.62 12.79
CA THR F 319 57.80 -9.86 13.07
C THR F 319 58.29 -9.99 14.50
N LEU F 320 57.46 -10.48 15.42
CA LEU F 320 57.84 -10.56 16.83
C LEU F 320 58.30 -11.95 17.24
N ALA F 321 57.46 -12.97 17.05
CA ALA F 321 57.81 -14.33 17.42
C ALA F 321 57.91 -15.25 16.21
N ASN F 322 56.81 -15.39 15.44
CA ASN F 322 56.77 -16.24 14.26
C ASN F 322 57.26 -17.64 14.56
N THR F 323 56.93 -18.17 15.73
CA THR F 323 57.38 -19.49 16.17
C THR F 323 56.18 -20.41 16.32
N GLY F 324 56.22 -21.55 15.64
CA GLY F 324 55.16 -22.53 15.72
C GLY F 324 53.85 -22.01 15.14
N CYS F 325 52.78 -22.69 15.48
CA CYS F 325 51.45 -22.26 15.06
C CYS F 325 51.02 -21.03 15.86
N TRP F 326 50.13 -20.24 15.27
CA TRP F 326 49.66 -19.01 15.89
C TRP F 326 48.48 -19.24 16.83
N ASP F 327 48.03 -20.48 16.99
CA ASP F 327 46.91 -20.77 17.89
C ASP F 327 47.30 -20.66 19.36
N LEU F 328 48.58 -20.58 19.68
CA LEU F 328 49.06 -20.49 21.04
C LEU F 328 49.32 -19.04 21.41
N SER F 329 48.85 -18.62 22.58
CA SER F 329 49.05 -17.24 23.02
C SER F 329 50.53 -16.96 23.23
N SER F 330 50.96 -15.78 22.81
CA SER F 330 52.35 -15.34 22.91
C SER F 330 52.43 -13.94 23.51
N GLY F 331 51.68 -13.74 24.60
CA GLY F 331 51.71 -12.46 25.28
C GLY F 331 50.40 -11.69 25.18
N ASN F 332 50.49 -10.37 25.04
CA ASN F 332 49.33 -9.51 24.95
C ASN F 332 49.00 -9.11 23.53
N LYS F 333 49.65 -9.72 22.53
CA LYS F 333 49.39 -9.36 21.14
C LYS F 333 47.99 -9.77 20.69
N LYS F 334 47.41 -10.81 21.29
CA LYS F 334 46.05 -11.22 20.95
C LYS F 334 45.04 -10.11 21.20
N TRP F 335 45.32 -9.21 22.14
CA TRP F 335 44.44 -8.09 22.41
C TRP F 335 44.34 -7.12 21.24
N ILE F 336 45.24 -7.22 20.25
CA ILE F 336 45.09 -6.44 19.03
C ILE F 336 43.80 -6.82 18.32
N ILE F 337 43.34 -8.06 18.50
CA ILE F 337 42.11 -8.54 17.88
C ILE F 337 40.97 -8.62 18.89
N GLN F 338 41.25 -9.04 20.13
CA GLN F 338 40.18 -9.24 21.09
C GLN F 338 39.56 -7.91 21.53
N VAL F 339 40.36 -6.90 21.80
CA VAL F 339 39.87 -5.61 22.31
C VAL F 339 38.90 -4.97 21.30
N PRO F 340 39.22 -4.91 20.00
CA PRO F 340 38.22 -4.38 19.05
C PRO F 340 36.93 -5.18 19.05
N ILE F 341 37.01 -6.50 19.25
CA ILE F 341 35.80 -7.33 19.27
C ILE F 341 34.97 -7.01 20.51
N LEU F 342 35.62 -6.95 21.67
CA LEU F 342 34.89 -6.78 22.93
C LEU F 342 34.09 -5.48 22.93
N ALA F 343 34.62 -4.41 22.32
CA ALA F 343 33.88 -3.17 22.22
C ALA F 343 32.56 -3.38 21.47
N SER F 344 32.60 -4.12 20.36
CA SER F 344 31.40 -4.46 19.61
C SER F 344 30.43 -5.23 20.50
N ILE F 345 30.97 -6.01 21.43
CA ILE F 345 30.12 -6.72 22.39
C ILE F 345 29.44 -5.74 23.33
N VAL F 346 30.19 -4.73 23.80
CA VAL F 346 29.65 -3.81 24.79
C VAL F 346 28.75 -2.78 24.15
N LEU F 347 29.31 -1.97 23.23
CA LEU F 347 28.57 -0.84 22.68
C LEU F 347 27.24 -1.27 22.08
N ASN F 348 27.25 -2.28 21.22
CA ASN F 348 26.01 -2.78 20.63
C ASN F 348 25.01 -3.16 21.71
N PHE F 349 25.46 -3.84 22.76
CA PHE F 349 24.56 -4.19 23.86
C PHE F 349 23.88 -2.96 24.41
N ILE F 350 24.65 -1.88 24.65
CA ILE F 350 24.06 -0.64 25.12
C ILE F 350 22.96 -0.19 24.17
N LEU F 351 23.25 -0.19 22.87
CA LEU F 351 22.25 0.18 21.88
C LEU F 351 20.99 -0.66 22.06
N PHE F 352 21.16 -1.97 22.24
CA PHE F 352 20.02 -2.84 22.48
C PHE F 352 19.14 -2.30 23.60
N ILE F 353 19.76 -2.00 24.75
CA ILE F 353 18.98 -1.48 25.88
C ILE F 353 18.23 -0.23 25.45
N ASN F 354 18.92 0.70 24.78
CA ASN F 354 18.26 1.93 24.35
C ASN F 354 17.05 1.62 23.48
N ILE F 355 17.22 0.70 22.52
CA ILE F 355 16.10 0.35 21.66
C ILE F 355 14.93 -0.12 22.51
N VAL F 356 15.19 -1.04 23.45
CA VAL F 356 14.11 -1.54 24.28
C VAL F 356 13.41 -0.37 24.97
N ARG F 357 14.19 0.55 25.52
CA ARG F 357 13.59 1.70 26.20
C ARG F 357 12.64 2.43 25.28
N VAL F 358 13.11 2.82 24.10
CA VAL F 358 12.23 3.59 23.23
C VAL F 358 11.09 2.72 22.76
N LEU F 359 11.35 1.43 22.57
CA LEU F 359 10.27 0.52 22.21
C LEU F 359 9.19 0.57 23.28
N ALA F 360 9.59 0.48 24.55
CA ALA F 360 8.61 0.62 25.63
C ALA F 360 7.89 1.95 25.52
N THR F 361 8.63 3.02 25.27
CA THR F 361 8.01 4.34 25.09
C THR F 361 6.95 4.29 24.01
N LYS F 362 7.27 3.64 22.88
CA LYS F 362 6.29 3.51 21.82
C LYS F 362 5.04 2.81 22.31
N LEU F 363 5.22 1.72 23.06
CA LEU F 363 4.07 1.05 23.64
C LEU F 363 3.33 1.98 24.59
N ARG F 364 4.08 2.73 25.42
CA ARG F 364 3.45 3.67 26.33
C ARG F 364 2.71 4.77 25.57
N GLU F 365 3.11 5.01 24.31
CA GLU F 365 2.43 6.02 23.52
C GLU F 365 1.27 5.45 22.73
N THR F 366 1.03 4.13 22.79
CA THR F 366 -0.06 3.52 22.07
C THR F 366 -0.98 2.69 22.96
N ASN F 367 -0.59 2.40 24.20
CA ASN F 367 -1.38 1.60 25.14
C ASN F 367 -1.73 0.24 24.56
N THR F 373 -2.83 -0.66 29.33
CA THR F 373 -3.12 -2.07 29.06
C THR F 373 -1.94 -2.95 29.47
N ARG F 374 -2.22 -4.00 30.23
CA ARG F 374 -1.18 -4.92 30.67
C ARG F 374 -0.54 -5.68 29.52
N GLN F 375 -1.31 -5.96 28.45
CA GLN F 375 -0.78 -6.71 27.31
C GLN F 375 0.45 -6.06 26.73
N GLN F 376 0.54 -4.73 26.77
CA GLN F 376 1.74 -4.05 26.31
C GLN F 376 2.99 -4.64 26.94
N TYR F 377 3.00 -4.80 28.26
CA TYR F 377 4.14 -5.42 28.92
C TYR F 377 4.47 -6.77 28.30
N ARG F 378 3.45 -7.61 28.11
CA ARG F 378 3.67 -8.90 27.46
C ARG F 378 4.36 -8.71 26.12
N LYS F 379 3.86 -7.80 25.30
CA LYS F 379 4.49 -7.55 24.00
C LYS F 379 5.95 -7.15 24.18
N LEU F 380 6.22 -6.26 25.14
CA LEU F 380 7.59 -5.86 25.41
C LEU F 380 8.46 -7.07 25.68
N LEU F 381 7.95 -8.01 26.50
CA LEU F 381 8.70 -9.23 26.76
C LEU F 381 9.05 -9.94 25.46
N LYS F 382 8.05 -10.15 24.60
CA LYS F 382 8.32 -10.75 23.30
C LYS F 382 9.28 -9.88 22.51
N SER F 383 9.07 -8.56 22.55
CA SER F 383 9.95 -7.64 21.85
C SER F 383 11.38 -7.77 22.35
N THR F 384 11.55 -8.16 23.61
CA THR F 384 12.90 -8.41 24.11
C THR F 384 13.44 -9.72 23.56
N LEU F 385 12.64 -10.79 23.59
CA LEU F 385 13.17 -12.12 23.33
C LEU F 385 13.73 -12.23 21.91
N VAL F 386 12.92 -11.87 20.90
CA VAL F 386 13.38 -11.94 19.53
C VAL F 386 14.53 -10.98 19.29
N LEU F 387 14.67 -9.95 20.15
CA LEU F 387 15.77 -9.02 20.00
C LEU F 387 17.07 -9.57 20.57
N MET F 388 17.01 -10.57 21.46
CA MET F 388 18.23 -11.06 22.10
C MET F 388 19.21 -11.70 21.12
N PRO F 389 18.82 -12.66 20.26
CA PRO F 389 19.83 -13.28 19.39
C PRO F 389 20.46 -12.32 18.39
N LEU F 390 19.71 -11.31 17.92
CA LEU F 390 20.25 -10.40 16.92
C LEU F 390 21.38 -9.56 17.49
N PHE F 391 21.24 -9.07 18.72
CA PHE F 391 22.22 -8.17 19.33
C PHE F 391 23.33 -8.90 20.07
N GLY F 392 23.25 -10.22 20.19
CA GLY F 392 24.30 -10.95 20.90
C GLY F 392 24.42 -10.59 22.36
N VAL F 393 23.29 -10.54 23.07
CA VAL F 393 23.30 -10.17 24.48
C VAL F 393 24.06 -11.17 25.34
N HIS F 394 23.97 -12.48 25.02
CA HIS F 394 24.54 -13.51 25.88
C HIS F 394 26.04 -13.32 26.10
N TYR F 395 26.74 -12.68 25.16
CA TYR F 395 28.17 -12.45 25.36
C TYR F 395 28.43 -11.65 26.62
N ILE F 396 27.61 -10.62 26.87
CA ILE F 396 27.80 -9.78 28.05
C ILE F 396 27.61 -10.58 29.33
N VAL F 397 27.02 -11.77 29.25
CA VAL F 397 26.90 -12.62 30.42
C VAL F 397 28.29 -13.04 30.90
N PHE F 398 29.17 -13.39 29.96
CA PHE F 398 30.51 -13.82 30.29
C PHE F 398 31.60 -12.97 29.63
N MET F 399 31.27 -11.76 29.20
CA MET F 399 32.27 -10.88 28.61
C MET F 399 33.36 -10.52 29.62
N ALA F 400 32.95 -10.21 30.85
CA ALA F 400 33.88 -9.80 31.91
C ALA F 400 34.29 -11.02 32.74
N THR F 401 35.23 -11.78 32.20
CA THR F 401 35.75 -12.95 32.88
C THR F 401 37.22 -13.12 32.52
N PRO F 402 38.10 -13.21 33.51
CA PRO F 402 39.52 -13.39 33.24
C PRO F 402 39.85 -14.84 32.92
N TYR F 403 41.13 -15.09 32.66
CA TYR F 403 41.59 -16.45 32.39
C TYR F 403 41.34 -17.36 33.59
N THR F 404 40.89 -18.58 33.30
CA THR F 404 40.57 -19.55 34.32
C THR F 404 41.14 -20.90 33.92
N GLU F 405 41.41 -21.74 34.93
CA GLU F 405 41.92 -23.08 34.67
C GLU F 405 40.87 -23.92 33.97
N VAL F 406 41.32 -25.04 33.39
CA VAL F 406 40.45 -25.90 32.60
C VAL F 406 39.61 -26.79 33.51
N SER F 407 39.71 -26.56 34.82
CA SER F 407 38.92 -27.28 35.81
C SER F 407 38.15 -26.29 36.66
N GLY F 408 37.14 -26.81 37.36
CA GLY F 408 36.28 -25.99 38.18
C GLY F 408 34.92 -25.77 37.55
N THR F 409 33.94 -25.48 38.41
CA THR F 409 32.57 -25.29 37.94
C THR F 409 32.45 -24.06 37.05
N LEU F 410 33.16 -22.98 37.39
CA LEU F 410 33.03 -21.74 36.63
C LEU F 410 33.43 -21.93 35.17
N TRP F 411 34.58 -22.54 34.93
CA TRP F 411 35.05 -22.72 33.56
C TRP F 411 34.13 -23.64 32.77
N GLN F 412 33.69 -24.74 33.39
CA GLN F 412 32.81 -25.67 32.70
C GLN F 412 31.48 -25.02 32.33
N VAL F 413 30.88 -24.28 33.27
CA VAL F 413 29.62 -23.59 32.99
C VAL F 413 29.82 -22.54 31.91
N GLN F 414 30.90 -21.77 32.00
CA GLN F 414 31.16 -20.73 31.00
C GLN F 414 31.30 -21.32 29.62
N MET F 415 32.03 -22.42 29.49
CA MET F 415 32.20 -23.04 28.18
C MET F 415 30.89 -23.64 27.66
N HIS F 416 30.20 -24.41 28.50
CA HIS F 416 28.95 -25.04 28.07
C HIS F 416 27.88 -24.01 27.73
N TYR F 417 27.98 -22.80 28.28
CA TYR F 417 27.06 -21.72 27.91
C TYR F 417 27.50 -21.02 26.63
N GLU F 418 28.75 -20.55 26.59
CA GLU F 418 29.23 -19.74 25.47
C GLU F 418 29.23 -20.54 24.17
N MET F 419 29.83 -21.74 24.19
CA MET F 419 29.92 -22.50 22.95
C MET F 419 28.54 -22.85 22.41
N LEU F 420 27.64 -23.31 23.28
CA LEU F 420 26.30 -23.67 22.85
C LEU F 420 25.54 -22.47 22.29
N PHE F 421 25.57 -21.33 22.99
CA PHE F 421 24.82 -20.17 22.53
C PHE F 421 25.41 -19.59 21.26
N ASN F 422 26.74 -19.57 21.14
CA ASN F 422 27.35 -19.07 19.92
C ASN F 422 27.05 -19.99 18.74
N SER F 423 27.02 -21.31 18.98
CA SER F 423 26.69 -22.24 17.91
C SER F 423 25.24 -22.08 17.45
N PHE F 424 24.32 -21.89 18.39
CA PHE F 424 22.90 -21.83 18.05
C PHE F 424 22.39 -20.41 17.78
N GLN F 425 23.24 -19.39 17.91
CA GLN F 425 22.79 -18.03 17.63
C GLN F 425 22.39 -17.86 16.17
N GLY F 426 23.19 -18.39 15.25
CA GLY F 426 22.84 -18.29 13.84
C GLY F 426 21.54 -19.00 13.52
N PHE F 427 21.35 -20.19 14.10
CA PHE F 427 20.10 -20.93 13.90
C PHE F 427 18.91 -20.15 14.43
N PHE F 428 19.04 -19.57 15.64
CA PHE F 428 17.94 -18.79 16.20
C PHE F 428 17.64 -17.56 15.36
N VAL F 429 18.67 -16.86 14.88
CA VAL F 429 18.46 -15.67 14.07
C VAL F 429 17.79 -16.04 12.75
N ALA F 430 18.24 -17.14 12.12
CA ALA F 430 17.65 -17.58 10.88
C ALA F 430 16.18 -17.94 11.06
N ILE F 431 15.85 -18.61 12.16
CA ILE F 431 14.45 -18.95 12.41
C ILE F 431 13.62 -17.69 12.65
N ILE F 432 14.11 -16.79 13.51
CA ILE F 432 13.30 -15.66 13.95
C ILE F 432 13.10 -14.66 12.82
N TYR F 433 14.18 -14.29 12.14
CA TYR F 433 14.14 -13.16 11.21
C TYR F 433 13.89 -13.57 9.76
N CYS F 434 14.01 -14.85 9.43
CA CYS F 434 13.72 -15.31 8.07
C CYS F 434 12.56 -16.31 8.06
N PHE F 435 12.64 -17.39 8.84
CA PHE F 435 11.59 -18.39 8.82
C PHE F 435 10.30 -17.89 9.44
N CYS F 436 10.40 -17.12 10.53
CA CYS F 436 9.23 -16.60 11.22
C CYS F 436 8.82 -15.21 10.74
N ASN F 437 9.55 -14.62 9.80
CA ASN F 437 9.21 -13.30 9.30
C ASN F 437 7.89 -13.34 8.54
N GLY F 438 7.04 -12.35 8.79
CA GLY F 438 5.74 -12.33 8.14
C GLY F 438 5.82 -12.17 6.64
N GLU F 439 6.69 -11.26 6.17
CA GLU F 439 6.82 -11.04 4.74
C GLU F 439 7.35 -12.28 4.03
N VAL F 440 8.34 -12.94 4.63
CA VAL F 440 8.90 -14.15 4.02
C VAL F 440 7.86 -15.25 3.96
N GLN F 441 7.10 -15.43 5.05
CA GLN F 441 6.04 -16.44 5.05
C GLN F 441 4.98 -16.14 4.01
N ALA F 442 4.60 -14.86 3.88
CA ALA F 442 3.61 -14.50 2.87
C ALA F 442 4.13 -14.77 1.46
N GLU F 443 5.40 -14.45 1.20
CA GLU F 443 5.99 -14.73 -0.10
C GLU F 443 6.04 -16.22 -0.39
N ILE F 444 6.40 -17.03 0.62
CA ILE F 444 6.45 -18.47 0.43
C ILE F 444 5.06 -19.02 0.14
N LYS F 445 4.05 -18.55 0.88
CA LYS F 445 2.69 -19.00 0.64
C LYS F 445 2.21 -18.62 -0.76
N LYS F 446 2.51 -17.39 -1.18
CA LYS F 446 2.10 -16.95 -2.51
C LYS F 446 2.79 -17.76 -3.60
N SER F 447 4.09 -18.02 -3.45
CA SER F 447 4.82 -18.82 -4.44
C SER F 447 4.29 -20.24 -4.49
N TRP F 448 3.99 -20.83 -3.33
CA TRP F 448 3.44 -22.18 -3.30
C TRP F 448 2.06 -22.22 -3.95
N SER F 449 1.22 -21.22 -3.69
CA SER F 449 -0.09 -21.18 -4.33
C SER F 449 0.03 -21.05 -5.84
N ARG F 450 0.94 -20.19 -6.32
CA ARG F 450 1.14 -20.05 -7.75
C ARG F 450 1.64 -21.34 -8.37
N TRP F 451 2.57 -22.04 -7.70
CA TRP F 451 3.08 -23.29 -8.22
C TRP F 451 1.99 -24.36 -8.27
N THR F 452 1.17 -24.45 -7.22
CA THR F 452 0.09 -25.43 -7.21
C THR F 452 -0.94 -25.14 -8.29
N LEU F 453 -1.31 -23.87 -8.47
CA LEU F 453 -2.27 -23.52 -9.51
C LEU F 453 -1.71 -23.78 -10.90
N ALA F 454 -0.44 -23.46 -11.12
CA ALA F 454 0.16 -23.67 -12.44
C ALA F 454 0.27 -25.16 -12.77
N LEU F 455 0.67 -25.97 -11.79
CA LEU F 455 0.84 -27.39 -12.00
C LEU F 455 -0.51 -28.10 -12.01
#